data_9CPW
#
_entry.id   9CPW
#
_cell.length_a   92.610
_cell.length_b   104.070
_cell.length_c   151.680
_cell.angle_alpha   90.00
_cell.angle_beta   90.00
_cell.angle_gamma   90.00
#
_symmetry.space_group_name_H-M   'P 21 21 21'
#
loop_
_entity.id
_entity.type
_entity.pdbx_description
1 polymer 'C11-1036 Fab heavy chain'
2 polymer 'C11-1036 Fab light chain'
3 polymer 'CC12.3 Fab heavy chain'
4 polymer 'CC12.3 Fab light chain'
5 polymer 'Spike protein S1'
6 branched 2-acetamido-2-deoxy-beta-D-glucopyranose-(1-4)-2-acetamido-2-deoxy-beta-D-glucopyranose
#
loop_
_entity_poly.entity_id
_entity_poly.type
_entity_poly.pdbx_seq_one_letter_code
_entity_poly.pdbx_strand_id
1 'polypeptide(L)'
;EVQLVQSGAEVKKPGEALKISCKGSGYRFITYWIGWVRQMPGKGLEWMGIIYPGDSETRYSPSFQGQITISADKSINTAY
LQWSSLKASDTAMYYCAGSSGIFTPMDVWGQGTTVSVSSASTKGPSVFPLAPSSKSTSGGTAALGCLVKDYFPEPVTVSW
NSGALTSGVHTFPAVLQSSGLYSLSSVVTVPSSSLGTQTYICNVNHKPSNTKVDKKVEPKSC
;
H
2 'polypeptide(L)'
;DIQLTQSPDSLAVSLGERATINCKSSQSVLYSSINKNYLAWYQQKPGQPPKLLIYWASTRESGVPDRFSGSGSGTDFTLT
ISSLQAEDVAVYYCQQYYSTPYTFGQGTKVEIKRTVAAPSVFIFPPSDEQLKSGTASVVCLLNNFYPREAKVQWKVDNAL
QSGNSQESVTEQDSKDSTYSLSSTLTLSKADYEKHKVYACEVTHQGLSSPVTKSFNRGEC
;
L
3 'polypeptide(L)'
;QVQLVESGGGLIQPGGSLRLSCAASGFTVSSNYMSWVRQAPGKGLEWVSVIYSGGSTFYADSVKGRFTISRDNSKSTLYL
QMNSLRVEDTAVYYCARDFGDFYFDYWGQGTLVTVSSASTKGPSVFPLAPSSKSTSGGTAALGCLVKDYFPEPVTVSWNS
GALTSGVHTFPAVLQSSGLYSLSSVVTVPSSSLGTQTYICNVNHKPSNTKVDKKVEPKSC
;
C
4 'polypeptide(L)'
;EIVLTQSPGTLSLSPGERATLSCRASQSVSSYLAWYQQKPGQAPRLLIYGASSRATGIPDRFSGSGSGTDFTLTISRLEP
EDFAVYYCQQYGSSPRTFGQGTKLEIKRTVAAPSVFIFPPSDEQLKSGTASVVCLLNNFYPREAKVQWKVDNALQSGNSQ
ESVTEQDSKDSTYSLSSTLTLSKADYEKHKVYACEVTHQGLSSPVTKSFNRGEC
;
D
5 'polypeptide(L)'
;TNLCPFGEVFNATRFASVYAWNRKRISNCVADYSVLYNSASFSTFKCYGVSPTKLNDLCFTNVYADSFVIRGDEVRQIAP
GQTGKIADYNYKLPDDFTGCVIAWNSNNLDSKVGGNYNYLYRLFRKSNLKPFERDISTEIYQAGSTPCNGVEGFNCYFPL
QSYGFQPTNGVGYQPYRVVVLSFELLHAPATVCGPKKSGHHHHHH
;
A
#
loop_
_chem_comp.id
_chem_comp.type
_chem_comp.name
_chem_comp.formula
NAG D-saccharide, beta linking 2-acetamido-2-deoxy-beta-D-glucopyranose 'C8 H15 N O6'
#
# COMPACT_ATOMS: atom_id res chain seq x y z
N GLU A 1 -9.39 33.48 0.36
CA GLU A 1 -8.49 32.45 -0.15
C GLU A 1 -9.10 31.07 0.05
N VAL A 2 -8.24 30.05 0.05
CA VAL A 2 -8.65 28.69 0.36
C VAL A 2 -8.81 28.56 1.86
N GLN A 3 -9.85 27.82 2.28
CA GLN A 3 -10.06 27.53 3.69
C GLN A 3 -10.38 26.06 3.86
N LEU A 4 -9.82 25.46 4.91
CA LEU A 4 -9.97 24.03 5.19
C LEU A 4 -10.77 23.85 6.48
N VAL A 5 -11.76 22.96 6.42
CA VAL A 5 -12.64 22.67 7.56
C VAL A 5 -12.55 21.19 7.87
N GLN A 6 -12.32 20.87 9.14
CA GLN A 6 -12.17 19.49 9.59
C GLN A 6 -13.42 19.00 10.30
N SER A 7 -13.41 17.72 10.65
CA SER A 7 -14.52 17.10 11.35
C SER A 7 -14.48 17.46 12.84
N GLY A 8 -15.52 17.04 13.55
CA GLY A 8 -15.64 17.34 14.96
C GLY A 8 -14.75 16.48 15.83
N ALA A 9 -14.76 16.79 17.12
CA ALA A 9 -13.95 16.05 18.08
C ALA A 9 -14.43 14.61 18.20
N GLU A 10 -13.48 13.68 18.28
CA GLU A 10 -13.77 12.26 18.32
C GLU A 10 -13.29 11.67 19.65
N VAL A 11 -14.15 10.87 20.28
CA VAL A 11 -13.79 10.14 21.49
C VAL A 11 -14.04 8.66 21.21
N LYS A 12 -12.96 7.89 21.09
CA LYS A 12 -13.05 6.48 20.73
C LYS A 12 -12.24 5.65 21.70
N LYS A 13 -12.71 4.43 21.96
CA LYS A 13 -11.97 3.49 22.79
C LYS A 13 -10.75 2.97 22.05
N PRO A 14 -9.72 2.54 22.78
CA PRO A 14 -8.57 1.91 22.12
C PRO A 14 -9.01 0.67 21.33
N GLY A 15 -8.39 0.49 20.16
CA GLY A 15 -8.74 -0.59 19.28
C GLY A 15 -9.89 -0.31 18.33
N GLU A 16 -10.52 0.85 18.42
CA GLU A 16 -11.59 1.21 17.49
C GLU A 16 -11.00 1.74 16.20
N ALA A 17 -11.89 2.08 15.26
CA ALA A 17 -11.52 2.64 13.98
C ALA A 17 -12.12 4.04 13.84
N LEU A 18 -11.33 4.96 13.29
CA LEU A 18 -11.75 6.34 13.15
C LEU A 18 -11.24 6.90 11.83
N LYS A 19 -12.05 7.71 11.18
CA LYS A 19 -11.68 8.38 9.93
C LYS A 19 -12.12 9.83 10.02
N ILE A 20 -11.17 10.73 10.27
CA ILE A 20 -11.45 12.16 10.32
C ILE A 20 -11.32 12.74 8.92
N SER A 21 -11.96 13.89 8.70
CA SER A 21 -12.06 14.49 7.38
C SER A 21 -11.49 15.91 7.38
N CYS A 22 -11.28 16.43 6.17
CA CYS A 22 -10.75 17.78 5.99
C CYS A 22 -11.22 18.25 4.61
N LYS A 23 -12.25 19.09 4.58
CA LYS A 23 -12.83 19.58 3.33
C LYS A 23 -12.35 20.99 3.06
N GLY A 24 -11.92 21.23 1.83
CA GLY A 24 -11.38 22.53 1.43
C GLY A 24 -12.26 23.20 0.39
N SER A 25 -12.33 24.52 0.47
CA SER A 25 -13.17 25.30 -0.45
C SER A 25 -12.40 26.49 -1.02
N GLY A 26 -13.10 27.37 -1.72
CA GLY A 26 -12.47 28.52 -2.34
C GLY A 26 -11.86 28.19 -3.69
N TYR A 27 -11.47 29.24 -4.41
CA TYR A 27 -10.87 29.07 -5.72
C TYR A 27 -9.45 28.52 -5.58
N ARG A 28 -8.82 28.30 -6.75
CA ARG A 28 -7.47 27.74 -6.89
C ARG A 28 -7.21 26.60 -5.89
N PHE A 29 -8.20 25.73 -5.70
CA PHE A 29 -8.01 24.55 -4.86
C PHE A 29 -7.51 23.35 -5.66
N ILE A 30 -7.59 23.41 -6.99
CA ILE A 30 -7.10 22.32 -7.82
C ILE A 30 -5.61 22.11 -7.62
N THR A 31 -4.87 23.20 -7.32
CA THR A 31 -3.43 23.14 -7.15
C THR A 31 -3.00 22.80 -5.73
N TYR A 32 -3.93 22.74 -4.78
CA TYR A 32 -3.55 22.62 -3.38
C TYR A 32 -3.32 21.16 -2.98
N TRP A 33 -2.21 20.91 -2.31
CA TRP A 33 -1.92 19.62 -1.69
C TRP A 33 -2.32 19.68 -0.22
N ILE A 34 -2.80 18.56 0.31
CA ILE A 34 -3.31 18.48 1.68
C ILE A 34 -2.39 17.56 2.48
N GLY A 35 -1.89 18.07 3.60
CA GLY A 35 -1.06 17.29 4.50
C GLY A 35 -1.62 17.28 5.90
N TRP A 36 -1.28 16.25 6.65
CA TRP A 36 -1.79 16.06 8.02
C TRP A 36 -0.66 16.24 9.02
N VAL A 37 -0.94 16.98 10.09
CA VAL A 37 0.02 17.28 11.14
C VAL A 37 -0.58 16.86 12.47
N ARG A 38 0.19 16.11 13.26
CA ARG A 38 -0.23 15.66 14.58
C ARG A 38 0.48 16.47 15.66
N GLN A 39 -0.29 17.00 16.60
CA GLN A 39 0.25 17.75 17.73
C GLN A 39 -0.21 17.08 19.01
N MET A 40 0.69 16.33 19.64
CA MET A 40 0.36 15.66 20.89
C MET A 40 0.17 16.69 22.00
N PRO A 41 -0.61 16.36 23.03
CA PRO A 41 -0.90 17.34 24.10
C PRO A 41 0.38 17.89 24.73
N GLY A 42 0.59 19.19 24.55
CA GLY A 42 1.75 19.87 25.09
C GLY A 42 3.02 19.76 24.26
N LYS A 43 2.99 19.04 23.15
CA LYS A 43 4.17 18.81 22.34
C LYS A 43 4.13 19.70 21.09
N GLY A 44 5.09 19.49 20.19
CA GLY A 44 5.20 20.27 18.98
C GLY A 44 4.35 19.73 17.84
N LEU A 45 4.75 20.09 16.63
CA LEU A 45 4.05 19.70 15.42
C LEU A 45 4.79 18.57 14.72
N GLU A 46 4.07 17.51 14.36
CA GLU A 46 4.64 16.36 13.69
C GLU A 46 3.94 16.16 12.36
N TRP A 47 4.73 16.09 11.28
CA TRP A 47 4.19 15.93 9.94
C TRP A 47 4.00 14.45 9.64
N MET A 48 2.77 14.06 9.30
CA MET A 48 2.40 12.66 9.09
C MET A 48 2.46 12.25 7.63
N GLY A 49 1.92 13.07 6.74
CA GLY A 49 1.93 12.74 5.32
C GLY A 49 1.23 13.83 4.53
N ILE A 50 1.30 13.71 3.21
CA ILE A 50 0.70 14.66 2.29
C ILE A 50 0.06 13.90 1.14
N ILE A 51 -1.08 14.38 0.67
CA ILE A 51 -1.82 13.76 -0.42
C ILE A 51 -2.30 14.84 -1.37
N TYR A 52 -2.30 14.53 -2.67
CA TYR A 52 -2.86 15.41 -3.68
C TYR A 52 -4.18 14.87 -4.16
N PRO A 53 -5.30 15.56 -3.93
CA PRO A 53 -6.62 14.98 -4.23
C PRO A 53 -6.83 14.63 -5.70
N GLY A 54 -6.11 15.27 -6.62
CA GLY A 54 -6.38 15.04 -8.04
C GLY A 54 -6.11 13.61 -8.46
N ASP A 55 -4.96 13.07 -8.07
CA ASP A 55 -4.60 11.70 -8.41
C ASP A 55 -4.32 10.84 -7.18
N SER A 56 -4.57 11.36 -5.98
CA SER A 56 -4.36 10.64 -4.73
C SER A 56 -2.92 10.17 -4.56
N GLU A 57 -1.97 10.94 -5.09
CA GLU A 57 -0.55 10.66 -4.85
C GLU A 57 -0.24 10.96 -3.39
N THR A 58 0.11 9.92 -2.63
CA THR A 58 0.31 10.05 -1.19
C THR A 58 1.77 9.82 -0.86
N ARG A 59 2.35 10.74 -0.11
CA ARG A 59 3.72 10.63 0.39
C ARG A 59 3.68 10.58 1.91
N TYR A 60 4.03 9.44 2.48
CA TYR A 60 3.94 9.22 3.92
C TYR A 60 5.29 9.49 4.60
N SER A 61 5.22 9.98 5.83
CA SER A 61 6.41 10.08 6.65
C SER A 61 6.87 8.69 7.06
N PRO A 62 8.18 8.48 7.20
CA PRO A 62 8.67 7.17 7.68
C PRO A 62 8.13 6.82 9.05
N SER A 63 7.92 7.80 9.93
CA SER A 63 7.44 7.51 11.27
C SER A 63 5.99 7.03 11.26
N PHE A 64 5.16 7.61 10.39
CA PHE A 64 3.74 7.26 10.31
C PHE A 64 3.43 6.29 9.19
N GLN A 65 4.47 5.71 8.56
CA GLN A 65 4.24 4.75 7.49
C GLN A 65 3.63 3.47 8.04
N GLY A 66 2.50 3.05 7.46
CA GLY A 66 1.82 1.84 7.88
C GLY A 66 0.90 1.98 9.06
N GLN A 67 0.94 3.12 9.77
CA GLN A 67 0.07 3.32 10.93
C GLN A 67 -1.23 4.03 10.56
N ILE A 68 -1.21 4.84 9.49
CA ILE A 68 -2.35 5.61 9.06
C ILE A 68 -2.63 5.29 7.59
N THR A 69 -3.75 5.81 7.11
CA THR A 69 -4.15 5.65 5.70
C THR A 69 -4.78 6.96 5.25
N ILE A 70 -3.96 7.84 4.65
CA ILE A 70 -4.44 9.11 4.16
C ILE A 70 -5.08 8.90 2.79
N SER A 71 -6.37 9.21 2.69
CA SER A 71 -7.13 9.07 1.46
C SER A 71 -7.70 10.42 1.06
N ALA A 72 -8.34 10.47 -0.10
CA ALA A 72 -8.93 11.71 -0.59
C ALA A 72 -10.14 11.38 -1.47
N ASP A 73 -11.03 12.36 -1.60
CA ASP A 73 -12.23 12.27 -2.43
C ASP A 73 -12.29 13.55 -3.25
N LYS A 74 -11.79 13.50 -4.49
CA LYS A 74 -11.73 14.68 -5.32
C LYS A 74 -13.10 15.18 -5.75
N SER A 75 -14.13 14.34 -5.66
CA SER A 75 -15.47 14.77 -6.04
C SER A 75 -16.04 15.79 -5.07
N ILE A 76 -15.71 15.68 -3.79
CA ILE A 76 -16.21 16.60 -2.77
C ILE A 76 -15.08 17.41 -2.13
N ASN A 77 -13.88 17.35 -2.69
CA ASN A 77 -12.73 18.12 -2.20
C ASN A 77 -12.45 17.86 -0.71
N THR A 78 -12.34 16.58 -0.37
CA THR A 78 -12.15 16.17 1.02
C THR A 78 -11.02 15.16 1.12
N ALA A 79 -10.11 15.39 2.06
CA ALA A 79 -9.06 14.44 2.40
C ALA A 79 -9.39 13.77 3.72
N TYR A 80 -8.92 12.53 3.88
CA TYR A 80 -9.25 11.72 5.04
C TYR A 80 -8.00 11.20 5.71
N LEU A 81 -8.10 10.97 7.02
CA LEU A 81 -7.03 10.36 7.81
C LEU A 81 -7.67 9.34 8.73
N GLN A 82 -7.30 8.07 8.58
CA GLN A 82 -7.96 6.99 9.30
C GLN A 82 -6.94 6.07 9.94
N TRP A 83 -7.37 5.43 11.03
CA TRP A 83 -6.60 4.43 11.73
C TRP A 83 -7.34 3.10 11.71
N SER A 84 -6.58 2.01 11.66
CA SER A 84 -7.18 0.68 11.75
C SER A 84 -7.44 0.29 13.21
N SER A 85 -6.44 0.49 14.07
CA SER A 85 -6.55 0.17 15.49
C SER A 85 -6.04 1.36 16.28
N LEU A 86 -6.95 2.17 16.81
CA LEU A 86 -6.57 3.35 17.58
C LEU A 86 -5.86 2.95 18.87
N LYS A 87 -4.86 3.75 19.24
CA LYS A 87 -4.07 3.53 20.43
C LYS A 87 -4.26 4.70 21.38
N ALA A 88 -4.06 4.45 22.68
CA ALA A 88 -4.12 5.53 23.66
C ALA A 88 -3.06 6.60 23.38
N SER A 89 -1.94 6.20 22.76
CA SER A 89 -0.89 7.14 22.42
C SER A 89 -1.26 8.04 21.24
N ASP A 90 -2.36 7.74 20.54
CA ASP A 90 -2.77 8.53 19.38
C ASP A 90 -3.63 9.72 19.76
N THR A 91 -3.91 9.93 21.05
CA THR A 91 -4.68 11.09 21.48
C THR A 91 -3.88 12.37 21.23
N ALA A 92 -4.40 13.23 20.37
CA ALA A 92 -3.73 14.47 19.99
C ALA A 92 -4.72 15.33 19.22
N MET A 93 -4.26 16.50 18.80
CA MET A 93 -5.00 17.35 17.87
C MET A 93 -4.40 17.20 16.48
N TYR A 94 -5.25 16.86 15.52
CA TYR A 94 -4.81 16.56 14.16
C TYR A 94 -5.22 17.71 13.25
N TYR A 95 -4.22 18.45 12.77
CA TYR A 95 -4.42 19.55 11.84
C TYR A 95 -4.17 19.06 10.41
N CYS A 96 -4.98 19.55 9.48
CA CYS A 96 -4.71 19.38 8.06
C CYS A 96 -4.23 20.71 7.50
N ALA A 97 -3.10 20.68 6.80
CA ALA A 97 -2.48 21.88 6.26
C ALA A 97 -2.52 21.82 4.74
N GLY A 98 -2.85 22.96 4.13
CA GLY A 98 -2.91 23.08 2.69
C GLY A 98 -1.74 23.90 2.16
N SER A 99 -1.10 23.38 1.12
CA SER A 99 -0.03 24.07 0.43
C SER A 99 -0.37 24.10 -1.06
N SER A 100 -0.10 25.24 -1.70
CA SER A 100 -0.46 25.40 -3.11
C SER A 100 0.40 24.55 -4.04
N GLY A 101 1.39 23.84 -3.50
CA GLY A 101 2.15 22.87 -4.26
C GLY A 101 2.90 21.97 -3.31
N ILE A 102 3.58 20.99 -3.88
CA ILE A 102 4.50 20.17 -3.10
C ILE A 102 5.83 20.90 -3.02
N PHE A 103 6.48 20.81 -1.85
CA PHE A 103 7.64 21.65 -1.53
C PHE A 103 7.26 23.13 -1.61
N THR A 104 6.07 23.44 -1.12
CA THR A 104 5.49 24.77 -1.00
C THR A 104 5.03 24.95 0.44
N PRO A 105 5.20 26.15 1.03
CA PRO A 105 4.75 26.36 2.40
C PRO A 105 3.26 26.14 2.56
N MET A 106 2.87 25.72 3.76
CA MET A 106 1.47 25.41 4.07
C MET A 106 0.75 26.70 4.42
N ASP A 107 0.05 27.27 3.43
CA ASP A 107 -0.62 28.55 3.64
C ASP A 107 -1.87 28.39 4.52
N VAL A 108 -2.67 27.37 4.25
CA VAL A 108 -4.01 27.24 4.81
C VAL A 108 -4.01 26.08 5.81
N TRP A 109 -4.55 26.34 7.00
CA TRP A 109 -4.69 25.33 8.04
C TRP A 109 -6.14 25.21 8.47
N GLY A 110 -6.56 23.99 8.79
CA GLY A 110 -7.87 23.77 9.36
C GLY A 110 -7.91 24.11 10.84
N GLN A 111 -9.13 24.11 11.39
CA GLN A 111 -9.29 24.44 12.81
C GLN A 111 -8.75 23.35 13.71
N GLY A 112 -8.55 22.15 13.20
CA GLY A 112 -8.03 21.05 13.99
C GLY A 112 -9.13 20.14 14.51
N THR A 113 -8.79 18.88 14.70
CA THR A 113 -9.70 17.88 15.24
C THR A 113 -9.07 17.25 16.46
N THR A 114 -9.76 17.31 17.59
CA THR A 114 -9.27 16.75 18.85
C THR A 114 -9.72 15.31 18.95
N VAL A 115 -8.80 14.38 18.75
CA VAL A 115 -9.07 12.95 18.83
C VAL A 115 -8.63 12.46 20.20
N SER A 116 -9.55 11.87 20.94
CA SER A 116 -9.30 11.41 22.31
C SER A 116 -9.53 9.91 22.36
N VAL A 117 -8.46 9.15 22.59
CA VAL A 117 -8.52 7.69 22.68
C VAL A 117 -8.19 7.31 24.11
N SER A 118 -9.17 6.74 24.81
CA SER A 118 -8.98 6.35 26.21
C SER A 118 -10.00 5.26 26.55
N SER A 119 -9.60 4.37 27.47
CA SER A 119 -10.50 3.33 27.93
C SER A 119 -11.59 3.86 28.84
N ALA A 120 -11.50 5.12 29.26
CA ALA A 120 -12.53 5.71 30.11
C ALA A 120 -13.79 5.98 29.31
N SER A 121 -14.90 6.13 30.04
CA SER A 121 -16.19 6.46 29.47
C SER A 121 -16.58 7.89 29.83
N THR A 122 -17.68 8.35 29.25
CA THR A 122 -18.16 9.71 29.48
C THR A 122 -18.70 9.81 30.90
N LYS A 123 -17.92 10.43 31.79
CA LYS A 123 -18.27 10.58 33.20
C LYS A 123 -18.42 12.06 33.54
N GLY A 124 -19.50 12.39 34.24
CA GLY A 124 -19.75 13.75 34.66
C GLY A 124 -18.80 14.20 35.74
N PRO A 125 -18.56 15.50 35.84
CA PRO A 125 -17.60 16.01 36.82
C PRO A 125 -18.14 15.98 38.24
N SER A 126 -17.23 15.88 39.19
CA SER A 126 -17.54 15.96 40.62
C SER A 126 -16.95 17.26 41.14
N VAL A 127 -17.81 18.17 41.58
CA VAL A 127 -17.40 19.52 41.96
C VAL A 127 -17.34 19.60 43.48
N PHE A 128 -16.13 19.81 44.00
CA PHE A 128 -15.92 19.95 45.43
C PHE A 128 -15.48 21.37 45.77
N PRO A 129 -16.03 21.96 46.82
CA PRO A 129 -15.69 23.35 47.15
C PRO A 129 -14.27 23.46 47.70
N LEU A 130 -13.61 24.56 47.36
CA LEU A 130 -12.34 24.95 47.97
C LEU A 130 -12.67 26.08 48.93
N ALA A 131 -13.05 25.71 50.15
CA ALA A 131 -13.55 26.70 51.11
C ALA A 131 -12.46 27.71 51.44
N PRO A 132 -12.81 29.00 51.57
CA PRO A 132 -11.80 30.03 51.83
C PRO A 132 -11.01 29.81 53.11
N SER A 133 -11.69 29.74 54.25
CA SER A 133 -11.06 29.57 55.55
C SER A 133 -10.06 30.69 55.85
N SER A 134 -9.30 30.53 56.94
CA SER A 134 -8.34 31.55 57.35
C SER A 134 -6.94 31.32 56.80
N LYS A 135 -6.71 30.21 56.11
CA LYS A 135 -5.41 29.93 55.51
C LYS A 135 -5.33 30.37 54.05
N SER A 136 -6.41 30.93 53.50
CA SER A 136 -6.43 31.41 52.13
C SER A 136 -6.73 32.90 52.06
N THR A 137 -6.26 33.67 53.04
CA THR A 137 -6.46 35.11 53.08
C THR A 137 -5.12 35.80 53.29
N SER A 138 -4.61 36.45 52.24
CA SER A 138 -3.38 37.22 52.32
C SER A 138 -3.72 38.70 52.51
N GLY A 139 -4.30 39.00 53.67
CA GLY A 139 -4.78 40.33 53.97
C GLY A 139 -6.25 40.47 53.66
N GLY A 140 -6.64 41.59 53.03
CA GLY A 140 -8.02 41.71 52.58
C GLY A 140 -8.34 40.87 51.37
N THR A 141 -7.33 40.27 50.74
CA THR A 141 -7.51 39.40 49.58
C THR A 141 -7.68 37.96 50.05
N ALA A 142 -8.85 37.39 49.81
CA ALA A 142 -9.16 36.02 50.18
C ALA A 142 -9.34 35.18 48.92
N ALA A 143 -8.84 33.95 48.96
CA ALA A 143 -8.87 33.05 47.82
C ALA A 143 -9.85 31.91 48.07
N LEU A 144 -10.64 31.60 47.05
CA LEU A 144 -11.56 30.47 47.08
C LEU A 144 -11.71 29.95 45.67
N GLY A 145 -12.32 28.77 45.54
CA GLY A 145 -12.49 28.20 44.22
C GLY A 145 -13.23 26.89 44.27
N CYS A 146 -13.22 26.20 43.13
CA CYS A 146 -13.88 24.91 42.95
C CYS A 146 -12.91 23.90 42.38
N LEU A 147 -12.97 22.67 42.88
CA LEU A 147 -12.17 21.57 42.38
C LEU A 147 -13.06 20.68 41.53
N VAL A 148 -12.79 20.64 40.22
CA VAL A 148 -13.54 19.81 39.29
C VAL A 148 -12.70 18.57 39.03
N LYS A 149 -13.15 17.42 39.53
CA LYS A 149 -12.33 16.21 39.56
C LYS A 149 -13.08 15.05 38.91
N ASP A 150 -12.32 14.19 38.22
CA ASP A 150 -12.80 12.92 37.69
C ASP A 150 -13.96 13.11 36.72
N TYR A 151 -13.64 13.75 35.59
CA TYR A 151 -14.56 13.87 34.47
C TYR A 151 -13.87 13.42 33.20
N PHE A 152 -14.69 13.11 32.19
CA PHE A 152 -14.21 12.69 30.87
C PHE A 152 -15.36 12.74 29.88
N PRO A 153 -15.13 13.21 28.65
CA PRO A 153 -13.88 13.80 28.13
C PRO A 153 -13.86 15.31 28.27
N GLU A 154 -12.87 15.97 27.70
CA GLU A 154 -12.83 17.42 27.68
C GLU A 154 -13.87 17.96 26.69
N PRO A 155 -14.27 19.23 26.82
CA PRO A 155 -13.84 20.24 27.80
C PRO A 155 -14.83 20.45 28.94
N VAL A 156 -14.45 21.27 29.92
CA VAL A 156 -15.34 21.72 30.98
C VAL A 156 -15.23 23.24 31.06
N THR A 157 -16.37 23.92 30.99
CA THR A 157 -16.42 25.37 31.08
C THR A 157 -16.90 25.75 32.48
N VAL A 158 -16.17 26.67 33.13
CA VAL A 158 -16.44 27.07 34.50
C VAL A 158 -16.73 28.56 34.52
N SER A 159 -17.83 28.94 35.15
CA SER A 159 -18.21 30.32 35.37
C SER A 159 -18.25 30.59 36.87
N TRP A 160 -18.49 31.85 37.23
CA TRP A 160 -18.63 32.25 38.62
C TRP A 160 -19.76 33.25 38.73
N ASN A 161 -20.76 32.91 39.55
CA ASN A 161 -21.99 33.71 39.67
C ASN A 161 -22.64 33.92 38.32
N SER A 162 -22.72 32.85 37.53
CA SER A 162 -23.34 32.87 36.20
C SER A 162 -22.69 33.91 35.30
N GLY A 163 -21.36 34.04 35.39
CA GLY A 163 -20.63 34.98 34.58
C GLY A 163 -20.59 36.40 35.11
N ALA A 164 -21.26 36.69 36.22
CA ALA A 164 -21.21 38.01 36.83
C ALA A 164 -19.90 38.28 37.56
N LEU A 165 -19.12 37.24 37.83
CA LEU A 165 -17.83 37.38 38.51
C LEU A 165 -16.75 36.92 37.54
N THR A 166 -15.97 37.87 37.01
CA THR A 166 -14.87 37.58 36.11
C THR A 166 -13.54 38.17 36.57
N SER A 167 -13.55 39.07 37.55
CA SER A 167 -12.31 39.69 38.01
C SER A 167 -11.54 38.73 38.90
N GLY A 168 -10.25 38.57 38.61
CA GLY A 168 -9.40 37.70 39.39
C GLY A 168 -9.80 36.24 39.35
N VAL A 169 -10.27 35.76 38.21
CA VAL A 169 -10.72 34.39 38.03
C VAL A 169 -9.68 33.64 37.21
N HIS A 170 -9.21 32.51 37.73
CA HIS A 170 -8.23 31.67 37.04
C HIS A 170 -8.76 30.24 37.01
N THR A 171 -9.01 29.73 35.81
CA THR A 171 -9.38 28.33 35.59
C THR A 171 -8.18 27.63 34.97
N PHE A 172 -7.55 26.74 35.74
CA PHE A 172 -6.32 26.12 35.31
C PHE A 172 -6.58 25.11 34.20
N PRO A 173 -5.57 24.86 33.34
CA PRO A 173 -5.71 23.81 32.33
C PRO A 173 -5.92 22.45 32.98
N ALA A 174 -6.75 21.63 32.35
CA ALA A 174 -7.05 20.31 32.88
C ALA A 174 -5.80 19.43 32.88
N VAL A 175 -5.65 18.64 33.93
CA VAL A 175 -4.55 17.68 34.05
C VAL A 175 -5.14 16.28 34.03
N LEU A 176 -4.63 15.44 33.14
CA LEU A 176 -5.12 14.06 33.01
C LEU A 176 -4.54 13.23 34.15
N GLN A 177 -5.41 12.74 35.02
CA GLN A 177 -4.96 11.93 36.15
C GLN A 177 -4.49 10.57 35.67
N SER A 178 -3.78 9.87 36.55
CA SER A 178 -3.34 8.51 36.26
C SER A 178 -4.51 7.54 36.14
N SER A 179 -5.70 7.94 36.56
CA SER A 179 -6.90 7.12 36.41
C SER A 179 -7.56 7.27 35.05
N GLY A 180 -6.97 8.05 34.15
CA GLY A 180 -7.55 8.30 32.85
C GLY A 180 -8.62 9.37 32.82
N LEU A 181 -8.89 10.03 33.95
CA LEU A 181 -9.90 11.06 34.07
C LEU A 181 -9.22 12.41 34.28
N TYR A 182 -9.93 13.47 33.90
CA TYR A 182 -9.38 14.82 33.97
C TYR A 182 -9.77 15.50 35.28
N SER A 183 -8.84 16.30 35.80
CA SER A 183 -9.08 17.13 36.98
C SER A 183 -8.78 18.58 36.64
N LEU A 184 -9.64 19.48 37.08
CA LEU A 184 -9.51 20.90 36.78
C LEU A 184 -9.83 21.71 38.03
N SER A 185 -9.06 22.77 38.24
CA SER A 185 -9.25 23.65 39.39
C SER A 185 -9.52 25.07 38.90
N SER A 186 -10.55 25.69 39.45
CA SER A 186 -10.90 27.08 39.15
C SER A 186 -10.99 27.86 40.45
N VAL A 187 -10.23 28.95 40.53
CA VAL A 187 -10.14 29.75 41.75
C VAL A 187 -10.40 31.21 41.42
N VAL A 188 -10.86 31.96 42.42
CA VAL A 188 -11.10 33.39 42.28
C VAL A 188 -10.49 34.12 43.46
N THR A 189 -10.19 35.39 43.24
CA THR A 189 -9.65 36.28 44.26
C THR A 189 -10.70 37.34 44.58
N VAL A 190 -11.17 37.35 45.83
CA VAL A 190 -12.25 38.24 46.23
C VAL A 190 -11.85 38.96 47.51
N PRO A 191 -12.39 40.15 47.78
CA PRO A 191 -12.13 40.80 49.08
C PRO A 191 -12.66 39.96 50.23
N SER A 192 -11.88 39.93 51.32
CA SER A 192 -12.27 39.13 52.48
C SER A 192 -13.48 39.72 53.20
N SER A 193 -13.78 41.00 52.98
CA SER A 193 -14.94 41.61 53.63
C SER A 193 -16.24 41.01 53.12
N SER A 194 -16.30 40.63 51.85
CA SER A 194 -17.52 40.10 51.24
C SER A 194 -17.73 38.62 51.52
N LEU A 195 -16.87 37.98 52.32
CA LEU A 195 -17.04 36.56 52.60
C LEU A 195 -18.33 36.29 53.35
N GLY A 196 -18.67 37.13 54.32
CA GLY A 196 -19.90 36.92 55.07
C GLY A 196 -21.14 37.42 54.37
N THR A 197 -21.00 38.42 53.51
CA THR A 197 -22.15 39.03 52.82
C THR A 197 -22.38 38.43 51.43
N GLN A 198 -21.38 38.54 50.56
CA GLN A 198 -21.54 38.08 49.18
C GLN A 198 -21.44 36.57 49.11
N THR A 199 -22.30 35.96 48.29
CA THR A 199 -22.31 34.52 48.07
C THR A 199 -21.66 34.22 46.72
N TYR A 200 -20.82 33.18 46.71
CA TYR A 200 -20.08 32.78 45.51
C TYR A 200 -20.51 31.38 45.09
N ILE A 201 -20.87 31.25 43.82
CA ILE A 201 -21.30 29.97 43.25
C ILE A 201 -20.53 29.75 41.95
N CYS A 202 -19.90 28.60 41.82
CA CYS A 202 -19.22 28.22 40.59
C CYS A 202 -20.12 27.34 39.75
N ASN A 203 -20.18 27.63 38.45
CA ASN A 203 -21.02 26.89 37.52
C ASN A 203 -20.12 26.03 36.65
N VAL A 204 -20.24 24.71 36.79
CA VAL A 204 -19.44 23.75 36.05
C VAL A 204 -20.34 23.07 35.03
N ASN A 205 -20.04 23.27 33.75
CA ASN A 205 -20.82 22.74 32.65
C ASN A 205 -19.96 21.80 31.82
N HIS A 206 -20.39 20.56 31.68
CA HIS A 206 -19.67 19.54 30.92
C HIS A 206 -20.62 19.02 29.83
N LYS A 207 -20.56 19.65 28.67
CA LYS A 207 -21.47 19.32 27.58
C LYS A 207 -21.38 17.86 27.12
N PRO A 208 -20.20 17.23 27.00
CA PRO A 208 -20.18 15.81 26.58
C PRO A 208 -21.00 14.90 27.48
N SER A 209 -21.17 15.24 28.75
CA SER A 209 -21.99 14.46 29.67
C SER A 209 -23.33 15.09 29.95
N ASN A 210 -23.60 16.28 29.39
CA ASN A 210 -24.85 17.02 29.63
C ASN A 210 -25.08 17.24 31.12
N THR A 211 -24.06 17.77 31.79
CA THR A 211 -24.07 17.96 33.23
C THR A 211 -23.82 19.43 33.56
N LYS A 212 -24.57 19.95 34.52
CA LYS A 212 -24.38 21.31 35.02
C LYS A 212 -24.47 21.27 36.54
N VAL A 213 -23.37 21.63 37.21
CA VAL A 213 -23.28 21.61 38.66
C VAL A 213 -22.99 23.02 39.15
N ASP A 214 -23.81 23.50 40.08
CA ASP A 214 -23.64 24.82 40.70
C ASP A 214 -23.34 24.60 42.18
N LYS A 215 -22.06 24.60 42.54
CA LYS A 215 -21.65 24.34 43.91
C LYS A 215 -21.37 25.66 44.61
N LYS A 216 -22.09 25.90 45.72
CA LYS A 216 -21.91 27.12 46.50
C LYS A 216 -20.70 26.95 47.42
N VAL A 217 -19.75 27.86 47.32
CA VAL A 217 -18.56 27.85 48.16
C VAL A 217 -18.78 28.86 49.30
N GLU A 218 -18.67 28.38 50.53
CA GLU A 218 -18.84 29.21 51.71
C GLU A 218 -17.71 28.95 52.69
N PRO A 219 -17.33 29.96 53.49
CA PRO A 219 -16.20 29.79 54.41
C PRO A 219 -16.48 28.72 55.45
N LYS A 220 -15.40 28.05 55.87
CA LYS A 220 -15.50 26.97 56.83
C LYS A 220 -14.74 27.33 58.11
N ASP B 1 15.66 12.63 6.26
CA ASP B 1 14.99 13.33 7.35
C ASP B 1 15.84 14.46 7.91
N ILE B 2 15.63 15.66 7.36
CA ILE B 2 16.34 16.84 7.83
C ILE B 2 15.86 17.21 9.22
N GLN B 3 16.80 17.47 10.12
CA GLN B 3 16.47 17.79 11.51
C GLN B 3 16.66 19.29 11.74
N LEU B 4 15.66 19.91 12.35
CA LEU B 4 15.68 21.35 12.65
C LEU B 4 15.70 21.55 14.16
N THR B 5 16.69 22.29 14.64
CA THR B 5 16.86 22.57 16.06
C THR B 5 16.78 24.07 16.28
N GLN B 6 15.92 24.48 17.20
CA GLN B 6 15.71 25.90 17.50
C GLN B 6 16.44 26.28 18.79
N SER B 7 16.54 27.59 19.01
CA SER B 7 17.15 28.16 20.21
C SER B 7 16.78 29.62 20.33
N PRO B 8 16.39 30.09 21.53
CA PRO B 8 16.23 29.35 22.79
C PRO B 8 14.87 28.66 22.87
N ASP B 9 14.69 27.72 23.82
CA ASP B 9 13.38 27.13 24.01
C ASP B 9 12.36 28.16 24.51
N SER B 10 12.76 28.99 25.47
CA SER B 10 11.91 30.02 26.02
C SER B 10 12.58 31.38 25.86
N LEU B 11 11.79 32.39 25.51
CA LEU B 11 12.30 33.73 25.24
C LEU B 11 11.41 34.75 25.95
N ALA B 12 12.03 35.59 26.78
CA ALA B 12 11.32 36.65 27.49
C ALA B 12 11.78 37.98 26.93
N VAL B 13 10.83 38.76 26.41
CA VAL B 13 11.12 40.05 25.76
C VAL B 13 10.12 41.08 26.28
N SER B 14 10.62 42.24 26.66
CA SER B 14 9.75 43.33 27.08
C SER B 14 8.92 43.83 25.90
N LEU B 15 7.71 44.31 26.21
CA LEU B 15 6.82 44.80 25.17
C LEU B 15 7.45 46.00 24.46
N GLY B 16 7.58 45.90 23.14
CA GLY B 16 8.21 46.94 22.36
C GLY B 16 9.69 46.73 22.06
N GLU B 17 10.25 45.58 22.40
CA GLU B 17 11.66 45.30 22.20
C GLU B 17 11.83 44.26 21.09
N ARG B 18 13.07 43.83 20.88
CA ARG B 18 13.42 42.94 19.78
C ARG B 18 13.54 41.50 20.27
N ALA B 19 12.93 40.58 19.53
CA ALA B 19 12.99 39.16 19.82
C ALA B 19 13.64 38.42 18.65
N THR B 20 14.52 37.48 18.97
CA THR B 20 15.28 36.74 17.96
C THR B 20 15.24 35.25 18.28
N ILE B 21 14.93 34.44 17.28
CA ILE B 21 14.89 32.99 17.41
C ILE B 21 15.80 32.39 16.35
N ASN B 22 16.66 31.46 16.76
CA ASN B 22 17.59 30.80 15.86
C ASN B 22 17.06 29.42 15.47
N CYS B 23 17.26 29.06 14.21
CA CYS B 23 16.88 27.75 13.69
C CYS B 23 18.06 27.18 12.93
N LYS B 24 18.52 25.99 13.32
CA LYS B 24 19.64 25.34 12.66
C LYS B 24 19.16 24.04 12.00
N SER B 25 19.76 23.72 10.86
CA SER B 25 19.41 22.55 10.07
C SER B 25 20.59 21.59 9.99
N SER B 26 20.26 20.31 9.83
CA SER B 26 21.27 19.27 9.66
C SER B 26 21.72 19.11 8.22
N GLN B 27 21.12 19.85 7.29
CA GLN B 27 21.46 19.77 5.88
C GLN B 27 21.05 21.08 5.23
N SER B 28 21.84 21.51 4.24
CA SER B 28 21.54 22.76 3.55
C SER B 28 20.17 22.70 2.91
N VAL B 29 19.31 23.66 3.29
CA VAL B 29 17.96 23.75 2.73
C VAL B 29 17.92 24.55 1.44
N LEU B 30 19.02 25.19 1.07
CA LEU B 30 19.05 26.06 -0.11
C LEU B 30 19.03 25.22 -1.38
N TYR B 31 18.04 25.45 -2.23
CA TYR B 31 18.04 24.88 -3.57
C TYR B 31 18.92 25.76 -4.46
N SER B 32 20.07 25.20 -4.88
CA SER B 32 21.10 26.02 -5.49
C SER B 32 20.66 26.63 -6.82
N SER B 33 19.77 25.96 -7.56
CA SER B 33 19.38 26.45 -8.87
C SER B 33 18.56 27.74 -8.76
N ILE B 34 17.44 27.68 -8.02
CA ILE B 34 16.58 28.85 -7.88
C ILE B 34 17.12 29.86 -6.88
N ASN B 35 18.11 29.47 -6.08
CA ASN B 35 18.72 30.34 -5.06
C ASN B 35 17.67 30.82 -4.05
N LYS B 36 16.94 29.86 -3.48
CA LYS B 36 15.97 30.12 -2.42
C LYS B 36 16.11 29.05 -1.35
N ASN B 37 15.82 29.43 -0.12
CA ASN B 37 15.85 28.51 1.01
C ASN B 37 14.44 28.01 1.27
N TYR B 38 14.25 26.69 1.20
CA TYR B 38 12.92 26.09 1.40
C TYR B 38 12.62 25.92 2.89
N LEU B 39 12.55 27.05 3.58
CA LEU B 39 12.25 27.09 5.00
C LEU B 39 11.13 28.09 5.26
N ALA B 40 10.33 27.81 6.28
CA ALA B 40 9.19 28.66 6.63
C ALA B 40 9.12 28.82 8.14
N TRP B 41 8.47 29.90 8.57
CA TRP B 41 8.25 30.20 9.98
C TRP B 41 6.75 30.26 10.25
N TYR B 42 6.33 29.63 11.34
CA TYR B 42 4.93 29.54 11.72
C TYR B 42 4.72 30.07 13.13
N GLN B 43 3.61 30.77 13.33
CA GLN B 43 3.19 31.27 14.63
C GLN B 43 1.95 30.53 15.07
N GLN B 44 1.99 29.93 16.26
CA GLN B 44 0.84 29.21 16.80
C GLN B 44 0.55 29.74 18.20
N LYS B 45 -0.55 30.48 18.32
CA LYS B 45 -1.02 30.90 19.62
C LYS B 45 -1.72 29.74 20.32
N PRO B 46 -1.74 29.71 21.65
CA PRO B 46 -2.33 28.56 22.36
C PRO B 46 -3.78 28.34 21.97
N GLY B 47 -4.10 27.11 21.57
CA GLY B 47 -5.43 26.73 21.16
C GLY B 47 -5.74 27.01 19.70
N GLN B 48 -4.91 27.77 19.00
CA GLN B 48 -5.06 28.18 17.62
C GLN B 48 -4.31 27.23 16.68
N PRO B 49 -4.78 27.10 15.43
CA PRO B 49 -3.95 26.41 14.44
C PRO B 49 -2.74 27.23 14.09
N PRO B 50 -1.65 26.60 13.64
CA PRO B 50 -0.47 27.36 13.25
C PRO B 50 -0.77 28.32 12.10
N LYS B 51 -0.14 29.49 12.14
CA LYS B 51 -0.34 30.54 11.14
C LYS B 51 1.00 30.81 10.45
N LEU B 52 0.98 30.82 9.12
CA LEU B 52 2.20 31.02 8.35
C LEU B 52 2.56 32.51 8.33
N LEU B 53 3.80 32.81 8.71
CA LEU B 53 4.32 34.18 8.74
C LEU B 53 5.27 34.48 7.59
N ILE B 54 6.32 33.66 7.44
CA ILE B 54 7.38 33.92 6.48
C ILE B 54 7.69 32.63 5.74
N TYR B 55 7.75 32.71 4.41
CA TYR B 55 8.14 31.59 3.57
C TYR B 55 9.37 31.95 2.76
N TRP B 56 10.09 30.91 2.32
CA TRP B 56 11.39 31.03 1.67
C TRP B 56 12.42 31.71 2.57
N ALA B 57 12.16 31.71 3.89
CA ALA B 57 13.06 32.20 4.92
C ALA B 57 13.24 33.72 4.86
N SER B 58 12.70 34.36 3.83
CA SER B 58 12.77 35.82 3.74
C SER B 58 11.48 36.48 3.29
N THR B 59 10.58 35.79 2.58
CA THR B 59 9.39 36.42 2.03
C THR B 59 8.24 36.37 3.02
N ARG B 60 7.49 37.45 3.09
CA ARG B 60 6.44 37.62 4.08
C ARG B 60 5.08 37.33 3.45
N GLU B 61 4.28 36.49 4.11
CA GLU B 61 2.92 36.23 3.66
C GLU B 61 2.05 37.47 3.85
N SER B 62 1.03 37.60 3.01
CA SER B 62 0.13 38.74 3.09
C SER B 62 -0.60 38.78 4.43
N GLY B 63 -0.71 39.97 5.00
CA GLY B 63 -1.35 40.17 6.27
C GLY B 63 -0.41 40.18 7.46
N VAL B 64 0.79 39.65 7.32
CA VAL B 64 1.77 39.67 8.41
C VAL B 64 2.29 41.08 8.59
N PRO B 65 2.32 41.61 9.81
CA PRO B 65 2.80 42.99 10.01
C PRO B 65 4.30 43.10 9.74
N ASP B 66 4.75 44.36 9.65
CA ASP B 66 6.13 44.65 9.31
C ASP B 66 7.12 44.21 10.39
N ARG B 67 6.66 44.04 11.63
CA ARG B 67 7.57 43.71 12.71
C ARG B 67 8.23 42.35 12.55
N PHE B 68 7.64 41.45 11.76
CA PHE B 68 8.22 40.14 11.53
C PHE B 68 9.14 40.18 10.31
N SER B 69 10.37 39.69 10.48
CA SER B 69 11.34 39.65 9.40
C SER B 69 12.11 38.33 9.46
N GLY B 70 12.40 37.77 8.30
CA GLY B 70 13.08 36.50 8.19
C GLY B 70 14.49 36.69 7.63
N SER B 71 15.44 35.93 8.16
CA SER B 71 16.82 36.05 7.75
C SER B 71 17.51 34.70 7.86
N GLY B 72 18.59 34.54 7.10
CA GLY B 72 19.38 33.32 7.15
C GLY B 72 19.63 32.68 5.80
N SER B 73 20.65 31.82 5.74
CA SER B 73 20.96 31.07 4.54
C SER B 73 21.76 29.84 4.92
N GLY B 74 21.79 28.86 4.02
CA GLY B 74 22.51 27.64 4.29
C GLY B 74 21.82 26.74 5.30
N THR B 75 22.38 26.67 6.51
CA THR B 75 21.79 25.86 7.58
C THR B 75 21.41 26.67 8.82
N ASP B 76 21.80 27.94 8.91
CA ASP B 76 21.50 28.78 10.06
C ASP B 76 20.49 29.84 9.65
N PHE B 77 19.36 29.88 10.34
CA PHE B 77 18.29 30.82 10.04
C PHE B 77 17.79 31.48 11.32
N THR B 78 17.37 32.73 11.20
CA THR B 78 16.89 33.52 12.33
C THR B 78 15.56 34.16 12.00
N LEU B 79 14.65 34.16 12.97
CA LEU B 79 13.41 34.91 12.90
C LEU B 79 13.48 36.06 13.91
N THR B 80 13.16 37.26 13.45
CA THR B 80 13.31 38.47 14.26
C THR B 80 11.99 39.22 14.31
N ILE B 81 11.58 39.60 15.51
CA ILE B 81 10.44 40.49 15.73
C ILE B 81 10.99 41.83 16.16
N SER B 82 10.65 42.89 15.42
CA SER B 82 11.23 44.20 15.67
C SER B 82 10.67 44.82 16.95
N SER B 83 9.36 45.06 16.97
CA SER B 83 8.68 45.66 18.12
C SER B 83 7.63 44.67 18.60
N LEU B 84 7.97 43.91 19.65
CA LEU B 84 7.04 42.94 20.20
C LEU B 84 5.83 43.65 20.80
N GLN B 85 4.65 43.08 20.58
CA GLN B 85 3.41 43.61 21.10
C GLN B 85 2.71 42.54 21.93
N ALA B 86 1.61 42.95 22.58
CA ALA B 86 0.89 42.04 23.46
C ALA B 86 0.32 40.86 22.68
N GLU B 87 0.01 41.03 21.41
CA GLU B 87 -0.63 40.01 20.59
C GLU B 87 0.36 39.03 19.97
N ASP B 88 1.66 39.21 20.21
CA ASP B 88 2.68 38.36 19.60
C ASP B 88 3.13 37.23 20.51
N VAL B 89 2.46 37.02 21.64
CA VAL B 89 2.82 35.95 22.56
C VAL B 89 2.31 34.63 21.98
N ALA B 90 3.24 33.79 21.52
CA ALA B 90 2.90 32.51 20.93
C ALA B 90 4.15 31.65 20.85
N VAL B 91 3.99 30.44 20.34
CA VAL B 91 5.10 29.52 20.08
C VAL B 91 5.41 29.56 18.59
N TYR B 92 6.69 29.69 18.26
CA TYR B 92 7.13 29.83 16.88
C TYR B 92 7.90 28.59 16.45
N TYR B 93 7.58 28.08 15.27
CA TYR B 93 8.22 26.90 14.70
C TYR B 93 8.86 27.26 13.37
N CYS B 94 10.00 26.64 13.08
CA CYS B 94 10.62 26.70 11.76
C CYS B 94 10.46 25.33 11.09
N GLN B 95 9.97 25.35 9.85
CA GLN B 95 9.68 24.13 9.11
C GLN B 95 10.38 24.17 7.77
N GLN B 96 10.89 23.02 7.33
CA GLN B 96 11.55 22.88 6.04
C GLN B 96 10.62 22.13 5.09
N TYR B 97 10.48 22.65 3.87
CA TYR B 97 9.74 21.99 2.81
C TYR B 97 10.64 21.70 1.62
N TYR B 98 11.90 21.39 1.89
CA TYR B 98 12.87 21.06 0.85
C TYR B 98 12.92 19.57 0.57
N SER B 99 12.63 18.72 1.56
CA SER B 99 12.73 17.28 1.40
C SER B 99 11.67 16.61 2.26
N THR B 100 10.90 15.71 1.64
CA THR B 100 10.02 14.85 2.42
C THR B 100 10.85 13.84 3.20
N PRO B 101 10.49 13.56 4.46
CA PRO B 101 9.34 14.09 5.20
C PRO B 101 9.56 15.51 5.70
N TYR B 102 8.50 16.31 5.76
CA TYR B 102 8.62 17.64 6.35
C TYR B 102 8.87 17.52 7.84
N THR B 103 9.77 18.36 8.36
CA THR B 103 10.12 18.36 9.77
C THR B 103 10.01 19.77 10.32
N PHE B 104 9.36 19.91 11.47
CA PHE B 104 9.25 21.18 12.16
C PHE B 104 10.35 21.32 13.21
N GLY B 105 10.57 22.56 13.64
CA GLY B 105 11.46 22.80 14.75
C GLY B 105 10.82 22.40 16.06
N GLN B 106 11.65 22.41 17.12
CA GLN B 106 11.14 22.06 18.44
C GLN B 106 10.11 23.08 18.91
N GLY B 107 10.34 24.35 18.62
CA GLY B 107 9.42 25.41 19.00
C GLY B 107 10.07 26.34 20.01
N THR B 108 9.74 27.62 19.91
CA THR B 108 10.27 28.65 20.81
C THR B 108 9.11 29.45 21.38
N LYS B 109 8.92 29.36 22.69
CA LYS B 109 7.87 30.12 23.35
C LYS B 109 8.34 31.55 23.59
N VAL B 110 7.55 32.52 23.15
CA VAL B 110 7.87 33.93 23.30
C VAL B 110 6.84 34.56 24.23
N GLU B 111 7.33 35.21 25.28
CA GLU B 111 6.49 35.75 26.34
C GLU B 111 6.87 37.19 26.62
N ILE B 112 5.91 37.93 27.20
CA ILE B 112 6.14 39.31 27.60
C ILE B 112 6.86 39.33 28.94
N LYS B 113 7.95 40.08 29.01
CA LYS B 113 8.72 40.23 30.24
C LYS B 113 8.19 41.41 31.05
N ARG B 114 8.09 41.22 32.36
CA ARG B 114 7.61 42.26 33.26
C ARG B 114 8.47 42.25 34.51
N THR B 115 8.08 43.05 35.49
CA THR B 115 8.77 43.07 36.78
C THR B 115 8.45 41.79 37.55
N VAL B 116 9.42 41.36 38.37
CA VAL B 116 9.28 40.14 39.14
C VAL B 116 8.17 40.33 40.18
N ALA B 117 7.27 39.35 40.27
CA ALA B 117 6.15 39.39 41.19
C ALA B 117 6.20 38.18 42.11
N ALA B 118 6.12 38.43 43.41
CA ALA B 118 6.09 37.34 44.38
C ALA B 118 4.73 36.66 44.36
N PRO B 119 4.68 35.33 44.34
CA PRO B 119 3.38 34.65 44.33
C PRO B 119 2.63 34.82 45.65
N SER B 120 1.30 34.79 45.55
CA SER B 120 0.43 34.73 46.72
C SER B 120 0.06 33.28 46.93
N VAL B 121 0.38 32.73 48.11
CA VAL B 121 0.24 31.31 48.39
C VAL B 121 -1.00 31.09 49.23
N PHE B 122 -1.88 30.22 48.76
CA PHE B 122 -3.08 29.82 49.49
C PHE B 122 -3.17 28.30 49.47
N ILE B 123 -3.61 27.73 50.58
CA ILE B 123 -3.73 26.28 50.71
C ILE B 123 -5.17 25.95 51.12
N PHE B 124 -5.77 24.98 50.44
CA PHE B 124 -7.17 24.62 50.67
C PHE B 124 -7.26 23.19 51.20
N PRO B 125 -7.68 22.98 52.45
CA PRO B 125 -7.87 21.62 52.93
C PRO B 125 -8.99 20.94 52.19
N PRO B 126 -8.97 19.60 52.11
CA PRO B 126 -10.01 18.90 51.33
C PRO B 126 -11.40 19.10 51.92
N SER B 127 -12.40 19.10 51.05
CA SER B 127 -13.78 19.32 51.48
C SER B 127 -14.32 18.08 52.18
N ASP B 128 -15.31 18.30 53.04
CA ASP B 128 -15.97 17.19 53.71
C ASP B 128 -16.72 16.31 52.71
N GLU B 129 -17.31 16.91 51.69
CA GLU B 129 -18.04 16.14 50.69
C GLU B 129 -17.12 15.19 49.94
N GLN B 130 -15.93 15.66 49.57
CA GLN B 130 -14.97 14.76 48.92
C GLN B 130 -14.45 13.71 49.88
N LEU B 131 -14.30 14.06 51.16
CA LEU B 131 -13.80 13.10 52.14
C LEU B 131 -14.76 11.94 52.35
N LYS B 132 -16.05 12.13 52.06
CA LYS B 132 -16.99 11.01 52.14
C LYS B 132 -16.70 9.93 51.11
N SER B 133 -16.17 10.31 49.95
CA SER B 133 -15.91 9.38 48.86
C SER B 133 -14.58 8.65 48.99
N GLY B 134 -13.87 8.85 50.10
CA GLY B 134 -12.65 8.12 50.36
C GLY B 134 -11.39 8.68 49.72
N THR B 135 -11.48 9.82 49.05
CA THR B 135 -10.31 10.47 48.45
C THR B 135 -10.23 11.90 48.96
N ALA B 136 -9.03 12.30 49.39
CA ALA B 136 -8.78 13.65 49.87
C ALA B 136 -7.79 14.33 48.93
N SER B 137 -8.16 15.52 48.46
CA SER B 137 -7.30 16.33 47.59
C SER B 137 -7.02 17.65 48.28
N VAL B 138 -5.74 17.95 48.47
CA VAL B 138 -5.29 19.21 49.07
C VAL B 138 -4.74 20.08 47.94
N VAL B 139 -5.28 21.29 47.81
CA VAL B 139 -4.95 22.18 46.71
C VAL B 139 -4.11 23.34 47.25
N CYS B 140 -2.99 23.61 46.60
CA CYS B 140 -2.14 24.75 46.91
C CYS B 140 -2.14 25.69 45.71
N LEU B 141 -2.41 26.97 45.96
CA LEU B 141 -2.59 27.96 44.90
C LEU B 141 -1.48 28.99 44.95
N LEU B 142 -0.85 29.22 43.80
CA LEU B 142 0.10 30.32 43.60
C LEU B 142 -0.54 31.30 42.63
N ASN B 143 -0.68 32.56 43.05
CA ASN B 143 -1.47 33.54 42.32
C ASN B 143 -0.62 34.71 41.88
N ASN B 144 -0.66 35.02 40.58
CA ASN B 144 -0.14 36.26 40.00
C ASN B 144 1.34 36.46 40.33
N PHE B 145 2.15 35.58 39.77
CA PHE B 145 3.60 35.66 39.94
C PHE B 145 4.29 35.65 38.58
N TYR B 146 5.53 36.13 38.59
CA TYR B 146 6.40 36.17 37.42
C TYR B 146 7.83 36.21 37.95
N PRO B 147 8.76 35.46 37.35
CA PRO B 147 8.63 34.60 36.17
C PRO B 147 7.91 33.28 36.44
N ARG B 148 7.71 32.48 35.39
CA ARG B 148 6.96 31.23 35.51
C ARG B 148 7.68 30.21 36.37
N GLU B 149 9.01 30.26 36.44
CA GLU B 149 9.78 29.27 37.18
C GLU B 149 9.46 29.37 38.67
N ALA B 150 8.89 28.30 39.23
CA ALA B 150 8.58 28.23 40.66
C ALA B 150 8.65 26.78 41.10
N LYS B 151 8.91 26.59 42.39
CA LYS B 151 9.06 25.26 42.98
C LYS B 151 8.05 25.08 44.10
N VAL B 152 7.28 24.00 44.04
CA VAL B 152 6.25 23.70 45.01
C VAL B 152 6.56 22.34 45.63
N GLN B 153 6.58 22.28 46.96
CA GLN B 153 6.89 21.06 47.69
C GLN B 153 5.78 20.76 48.70
N TRP B 154 5.31 19.52 48.70
CA TRP B 154 4.32 19.05 49.66
C TRP B 154 5.05 18.34 50.80
N LYS B 155 4.79 18.79 52.03
CA LYS B 155 5.46 18.27 53.22
C LYS B 155 4.38 17.91 54.25
N VAL B 156 4.13 16.62 54.40
CA VAL B 156 3.14 16.11 55.34
C VAL B 156 3.90 15.60 56.57
N ASP B 157 3.70 16.28 57.70
CA ASP B 157 4.47 16.02 58.92
C ASP B 157 5.98 16.15 58.65
N ASN B 158 6.35 17.25 57.98
CA ASN B 158 7.74 17.56 57.65
C ASN B 158 8.36 16.47 56.76
N ALA B 159 7.55 15.78 55.98
CA ALA B 159 8.01 14.72 55.08
C ALA B 159 7.67 15.11 53.65
N LEU B 160 8.71 15.39 52.86
CA LEU B 160 8.50 15.80 51.48
C LEU B 160 7.82 14.69 50.70
N GLN B 161 6.79 15.06 49.94
CA GLN B 161 5.98 14.11 49.19
C GLN B 161 6.37 14.15 47.72
N SER B 162 6.53 12.98 47.12
CA SER B 162 6.86 12.88 45.71
C SER B 162 6.07 11.73 45.10
N GLY B 163 5.55 11.96 43.89
CA GLY B 163 4.75 10.96 43.21
C GLY B 163 3.28 10.96 43.58
N ASN B 164 2.84 11.90 44.41
CA ASN B 164 1.44 11.98 44.83
C ASN B 164 0.76 13.28 44.42
N SER B 165 1.43 14.15 43.67
CA SER B 165 0.91 15.47 43.34
C SER B 165 1.04 15.75 41.85
N GLN B 166 0.14 16.60 41.35
CA GLN B 166 0.18 17.07 39.98
C GLN B 166 0.07 18.58 39.98
N GLU B 167 0.67 19.21 38.97
CA GLU B 167 0.68 20.66 38.84
C GLU B 167 0.05 21.10 37.52
N SER B 168 -0.58 22.26 37.55
CA SER B 168 -1.12 22.90 36.36
C SER B 168 -0.79 24.38 36.40
N VAL B 169 -0.40 24.94 35.25
CA VAL B 169 0.02 26.33 35.16
C VAL B 169 -0.81 27.03 34.09
N THR B 170 -1.26 28.24 34.40
CA THR B 170 -2.01 29.03 33.44
C THR B 170 -1.07 29.68 32.42
N GLU B 171 -1.65 30.13 31.32
CA GLU B 171 -0.90 30.94 30.37
C GLU B 171 -0.70 32.34 30.92
N GLN B 172 0.26 33.06 30.34
CA GLN B 172 0.54 34.42 30.77
C GLN B 172 -0.69 35.29 30.57
N ASP B 173 -1.10 35.98 31.63
CA ASP B 173 -2.34 36.74 31.59
C ASP B 173 -2.23 37.90 30.62
N SER B 174 -3.33 38.15 29.90
CA SER B 174 -3.36 39.25 28.92
C SER B 174 -3.34 40.62 29.58
N LYS B 175 -3.52 40.69 30.90
CA LYS B 175 -3.69 41.97 31.60
C LYS B 175 -2.43 42.38 32.35
N ASP B 176 -1.93 41.53 33.24
CA ASP B 176 -0.75 41.84 34.03
C ASP B 176 0.44 40.94 33.68
N SER B 177 0.31 40.09 32.67
CA SER B 177 1.39 39.22 32.19
C SER B 177 1.99 38.39 33.33
N THR B 178 1.12 37.84 34.16
CA THR B 178 1.53 37.00 35.27
C THR B 178 1.00 35.59 35.09
N TYR B 179 1.58 34.65 35.82
CA TYR B 179 1.19 33.25 35.79
C TYR B 179 0.54 32.87 37.11
N SER B 180 -0.21 31.76 37.07
CA SER B 180 -0.79 31.17 38.27
C SER B 180 -0.60 29.66 38.22
N LEU B 181 -0.25 29.07 39.35
CA LEU B 181 0.06 27.66 39.46
C LEU B 181 -0.75 27.04 40.59
N SER B 182 -1.27 25.83 40.36
CA SER B 182 -1.99 25.08 41.37
C SER B 182 -1.42 23.67 41.45
N SER B 183 -1.09 23.24 42.67
CA SER B 183 -0.58 21.90 42.93
C SER B 183 -1.59 21.17 43.79
N THR B 184 -2.04 20.00 43.34
CA THR B 184 -3.04 19.22 44.03
C THR B 184 -2.41 17.93 44.53
N LEU B 185 -2.50 17.68 45.83
CA LEU B 185 -1.98 16.46 46.45
C LEU B 185 -3.13 15.50 46.66
N THR B 186 -3.07 14.34 46.00
CA THR B 186 -4.16 13.36 46.04
C THR B 186 -3.75 12.21 46.96
N LEU B 187 -4.56 11.97 47.99
CA LEU B 187 -4.34 10.89 48.93
C LEU B 187 -5.66 10.19 49.22
N SER B 188 -5.58 8.93 49.62
CA SER B 188 -6.77 8.23 50.09
C SER B 188 -7.18 8.77 51.46
N LYS B 189 -8.44 8.56 51.81
CA LYS B 189 -8.93 9.05 53.10
C LYS B 189 -8.21 8.37 54.26
N ALA B 190 -7.87 7.09 54.09
CA ALA B 190 -7.11 6.40 55.13
C ALA B 190 -5.73 7.03 55.32
N ASP B 191 -5.04 7.32 54.22
CA ASP B 191 -3.74 7.97 54.32
C ASP B 191 -3.87 9.41 54.80
N TYR B 192 -4.95 10.10 54.42
CA TYR B 192 -5.12 11.50 54.80
C TYR B 192 -5.27 11.65 56.30
N GLU B 193 -6.00 10.74 56.95
CA GLU B 193 -6.26 10.84 58.38
C GLU B 193 -5.18 10.21 59.23
N LYS B 194 -4.08 9.76 58.62
CA LYS B 194 -2.94 9.23 59.36
C LYS B 194 -1.90 10.30 59.68
N HIS B 195 -2.16 11.56 59.32
CA HIS B 195 -1.21 12.64 59.55
C HIS B 195 -1.96 13.87 60.04
N LYS B 196 -1.22 14.79 60.67
CA LYS B 196 -1.81 15.99 61.24
C LYS B 196 -1.50 17.24 60.42
N VAL B 197 -0.21 17.53 60.18
CA VAL B 197 0.21 18.79 59.59
C VAL B 197 0.42 18.60 58.09
N TYR B 198 -0.30 19.39 57.30
CA TYR B 198 -0.15 19.42 55.85
C TYR B 198 0.36 20.80 55.45
N ALA B 199 1.50 20.84 54.76
CA ALA B 199 2.16 22.09 54.44
C ALA B 199 2.48 22.15 52.96
N CYS B 200 2.50 23.37 52.43
CA CYS B 200 2.86 23.64 51.04
C CYS B 200 3.98 24.67 51.04
N GLU B 201 5.17 24.26 50.61
CA GLU B 201 6.34 25.14 50.59
C GLU B 201 6.59 25.62 49.17
N VAL B 202 6.69 26.94 49.00
CA VAL B 202 6.82 27.56 47.70
C VAL B 202 8.17 28.29 47.64
N THR B 203 8.97 27.95 46.63
CA THR B 203 10.24 28.62 46.38
C THR B 203 10.13 29.38 45.06
N HIS B 204 10.40 30.67 45.10
CA HIS B 204 10.30 31.51 43.91
C HIS B 204 11.33 32.63 43.99
N GLN B 205 11.68 33.17 42.82
CA GLN B 205 12.69 34.22 42.75
C GLN B 205 12.21 35.49 43.43
N GLY B 206 10.89 35.73 43.46
CA GLY B 206 10.34 36.90 44.10
C GLY B 206 10.19 36.80 45.60
N LEU B 207 10.57 35.67 46.19
CA LEU B 207 10.46 35.44 47.62
C LEU B 207 11.86 35.38 48.23
N SER B 208 12.10 36.19 49.26
CA SER B 208 13.38 36.16 49.95
C SER B 208 13.63 34.82 50.62
N SER B 209 12.59 34.25 51.23
CA SER B 209 12.65 32.95 51.86
C SER B 209 11.46 32.11 51.39
N PRO B 210 11.61 30.79 51.38
CA PRO B 210 10.49 29.93 50.95
C PRO B 210 9.27 30.10 51.85
N VAL B 211 8.14 30.47 51.23
CA VAL B 211 6.90 30.66 51.96
C VAL B 211 6.19 29.33 52.12
N THR B 212 5.70 29.06 53.33
CA THR B 212 5.00 27.82 53.63
C THR B 212 3.65 28.15 54.25
N LYS B 213 2.58 27.77 53.56
CA LYS B 213 1.23 27.83 54.11
C LYS B 213 0.81 26.42 54.51
N SER B 214 0.39 26.26 55.76
CA SER B 214 0.10 24.95 56.31
C SER B 214 -1.20 24.99 57.11
N PHE B 215 -1.83 23.82 57.24
CA PHE B 215 -3.01 23.66 58.06
C PHE B 215 -2.90 22.33 58.81
N ASN B 216 -3.74 22.18 59.83
CA ASN B 216 -3.83 20.96 60.60
C ASN B 216 -5.14 20.25 60.29
N ARG B 217 -5.09 18.93 60.16
CA ARG B 217 -6.29 18.17 59.84
C ARG B 217 -7.35 18.30 60.92
N GLY B 218 -6.92 18.42 62.18
CA GLY B 218 -7.86 18.58 63.28
C GLY B 218 -8.34 20.01 63.45
N GLU B 219 -8.33 20.77 62.36
CA GLU B 219 -8.79 22.17 62.34
C GLU B 219 -8.07 23.01 63.39
N GLN C 1 14.52 -17.21 -36.22
CA GLN C 1 14.28 -18.18 -35.17
C GLN C 1 14.59 -17.58 -33.80
N VAL C 2 13.72 -17.89 -32.82
CA VAL C 2 13.88 -17.42 -31.45
C VAL C 2 13.94 -18.64 -30.54
N GLN C 3 14.98 -18.69 -29.71
CA GLN C 3 15.12 -19.74 -28.70
C GLN C 3 15.28 -19.10 -27.32
N LEU C 4 14.59 -19.66 -26.33
CA LEU C 4 14.70 -19.24 -24.95
C LEU C 4 14.91 -20.49 -24.10
N VAL C 5 16.12 -20.65 -23.55
CA VAL C 5 16.48 -21.81 -22.75
C VAL C 5 16.61 -21.36 -21.30
N GLU C 6 15.87 -22.02 -20.41
CA GLU C 6 15.80 -21.63 -19.01
C GLU C 6 16.55 -22.62 -18.13
N SER C 7 16.95 -22.15 -16.96
CA SER C 7 17.74 -22.93 -16.02
C SER C 7 17.58 -22.32 -14.63
N GLY C 8 18.01 -23.09 -13.62
CA GLY C 8 18.06 -22.61 -12.26
C GLY C 8 16.96 -23.10 -11.36
N GLY C 9 15.90 -23.69 -11.90
CA GLY C 9 14.83 -24.18 -11.07
C GLY C 9 15.22 -25.39 -10.26
N GLY C 10 14.44 -25.67 -9.22
CA GLY C 10 14.70 -26.82 -8.38
C GLY C 10 13.92 -26.71 -7.08
N LEU C 11 14.36 -27.50 -6.09
CA LEU C 11 13.76 -27.52 -4.77
C LEU C 11 14.57 -26.63 -3.84
N ILE C 12 13.89 -25.67 -3.20
CA ILE C 12 14.52 -24.71 -2.32
C ILE C 12 13.69 -24.57 -1.06
N GLN C 13 14.35 -24.43 0.08
CA GLN C 13 13.65 -24.32 1.35
C GLN C 13 12.92 -22.97 1.45
N PRO C 14 11.84 -22.92 2.22
CA PRO C 14 11.13 -21.64 2.38
C PRO C 14 12.04 -20.57 2.97
N GLY C 15 11.90 -19.35 2.48
CA GLY C 15 12.76 -18.26 2.87
C GLY C 15 14.13 -18.28 2.23
N GLY C 16 14.43 -19.28 1.40
CA GLY C 16 15.71 -19.35 0.72
C GLY C 16 15.75 -18.51 -0.53
N SER C 17 16.91 -18.55 -1.18
CA SER C 17 17.16 -17.78 -2.39
C SER C 17 17.40 -18.71 -3.57
N LEU C 18 17.00 -18.25 -4.76
CA LEU C 18 17.18 -19.01 -5.99
C LEU C 18 17.18 -18.05 -7.15
N ARG C 19 18.08 -18.26 -8.11
CA ARG C 19 18.22 -17.40 -9.27
C ARG C 19 17.95 -18.22 -10.53
N LEU C 20 17.05 -17.70 -11.37
CA LEU C 20 16.72 -18.33 -12.64
C LEU C 20 17.44 -17.63 -13.78
N SER C 21 17.82 -18.41 -14.79
CA SER C 21 18.53 -17.89 -15.95
C SER C 21 17.75 -18.22 -17.21
N CYS C 22 17.96 -17.41 -18.26
CA CYS C 22 17.24 -17.59 -19.51
C CYS C 22 18.16 -17.18 -20.65
N ALA C 23 18.78 -18.18 -21.30
CA ALA C 23 19.57 -17.91 -22.48
C ALA C 23 18.67 -17.58 -23.66
N ALA C 24 18.99 -16.51 -24.37
CA ALA C 24 18.16 -16.02 -25.47
C ALA C 24 18.94 -16.04 -26.78
N SER C 25 18.28 -16.50 -27.84
CA SER C 25 18.87 -16.56 -29.16
C SER C 25 17.85 -16.03 -30.18
N GLY C 26 18.34 -15.28 -31.16
CA GLY C 26 17.50 -14.73 -32.20
C GLY C 26 17.13 -13.27 -32.03
N PHE C 27 17.57 -12.63 -30.95
CA PHE C 27 17.30 -11.21 -30.72
C PHE C 27 18.26 -10.70 -29.67
N THR C 28 18.35 -9.38 -29.58
CA THR C 28 19.19 -8.72 -28.57
C THR C 28 18.32 -8.41 -27.35
N VAL C 29 18.74 -8.94 -26.18
CA VAL C 29 17.94 -8.78 -24.98
C VAL C 29 17.92 -7.34 -24.50
N SER C 30 19.01 -6.60 -24.69
CA SER C 30 19.07 -5.21 -24.24
C SER C 30 18.16 -4.30 -25.04
N SER C 31 17.61 -4.76 -26.16
CA SER C 31 16.75 -3.96 -27.01
C SER C 31 15.31 -4.46 -27.07
N ASN C 32 14.93 -5.34 -26.15
CA ASN C 32 13.58 -5.89 -26.11
C ASN C 32 13.05 -5.88 -24.69
N TYR C 33 11.73 -5.71 -24.57
CA TYR C 33 11.05 -5.96 -23.31
C TYR C 33 11.08 -7.46 -23.01
N MET C 34 11.35 -7.81 -21.76
CA MET C 34 11.35 -9.20 -21.34
C MET C 34 10.62 -9.32 -20.01
N SER C 35 10.00 -10.48 -19.80
CA SER C 35 9.17 -10.70 -18.64
C SER C 35 9.36 -12.10 -18.08
N TRP C 36 9.01 -12.26 -16.81
CA TRP C 36 8.87 -13.57 -16.17
C TRP C 36 7.40 -13.79 -15.86
N VAL C 37 6.86 -14.93 -16.29
CA VAL C 37 5.48 -15.30 -16.04
C VAL C 37 5.47 -16.68 -15.42
N ARG C 38 4.80 -16.82 -14.27
CA ARG C 38 4.76 -18.08 -13.54
C ARG C 38 3.37 -18.68 -13.59
N GLN C 39 3.32 -20.01 -13.53
CA GLN C 39 2.07 -20.76 -13.56
C GLN C 39 2.11 -21.78 -12.44
N ALA C 40 1.27 -21.62 -11.44
CA ALA C 40 1.18 -22.59 -10.37
C ALA C 40 0.67 -23.92 -10.94
N PRO C 41 1.17 -25.05 -10.44
CA PRO C 41 0.72 -26.35 -10.98
C PRO C 41 -0.78 -26.52 -10.86
N GLY C 42 -1.41 -26.90 -11.96
CA GLY C 42 -2.87 -27.04 -12.00
C GLY C 42 -3.62 -25.74 -11.95
N LYS C 43 -2.94 -24.60 -12.06
CA LYS C 43 -3.58 -23.29 -11.99
C LYS C 43 -3.21 -22.48 -13.23
N GLY C 44 -3.66 -21.23 -13.25
CA GLY C 44 -3.47 -20.36 -14.40
C GLY C 44 -2.14 -19.63 -14.38
N LEU C 45 -1.99 -18.72 -15.33
CA LEU C 45 -0.75 -17.96 -15.50
C LEU C 45 -0.78 -16.69 -14.65
N GLU C 46 0.40 -16.27 -14.21
CA GLU C 46 0.54 -15.06 -13.40
C GLU C 46 1.81 -14.33 -13.83
N TRP C 47 1.67 -13.07 -14.22
CA TRP C 47 2.82 -12.26 -14.58
C TRP C 47 3.61 -11.88 -13.33
N VAL C 48 4.93 -12.02 -13.40
CA VAL C 48 5.78 -11.78 -12.23
C VAL C 48 6.48 -10.44 -12.34
N SER C 49 7.31 -10.28 -13.37
CA SER C 49 8.10 -9.07 -13.52
C SER C 49 8.37 -8.81 -15.00
N VAL C 50 8.75 -7.57 -15.30
CA VAL C 50 9.08 -7.15 -16.65
C VAL C 50 10.29 -6.23 -16.59
N ILE C 51 11.16 -6.32 -17.60
CA ILE C 51 12.28 -5.41 -17.77
C ILE C 51 12.15 -4.72 -19.12
N TYR C 52 12.19 -3.39 -19.11
CA TYR C 52 12.06 -2.64 -20.35
C TYR C 52 13.36 -2.65 -21.12
N SER C 53 13.26 -2.31 -22.42
CA SER C 53 14.46 -2.18 -23.24
C SER C 53 15.38 -1.07 -22.71
N GLY C 54 14.80 -0.05 -22.09
CA GLY C 54 15.56 1.04 -21.51
C GLY C 54 16.12 0.77 -20.13
N GLY C 55 15.87 -0.42 -19.58
CA GLY C 55 16.41 -0.80 -18.29
C GLY C 55 15.42 -0.74 -17.15
N SER C 56 14.25 -0.13 -17.34
CA SER C 56 13.27 -0.03 -16.28
C SER C 56 12.74 -1.41 -15.89
N THR C 57 12.42 -1.58 -14.61
CA THR C 57 11.92 -2.83 -14.08
C THR C 57 10.60 -2.59 -13.35
N PHE C 58 9.71 -3.58 -13.43
CA PHE C 58 8.46 -3.58 -12.69
C PHE C 58 8.17 -4.98 -12.19
N TYR C 59 7.54 -5.06 -11.03
CA TYR C 59 7.25 -6.33 -10.39
C TYR C 59 5.81 -6.34 -9.90
N ALA C 60 5.23 -7.54 -9.84
CA ALA C 60 3.91 -7.69 -9.25
C ALA C 60 3.99 -7.51 -7.74
N ASP C 61 2.85 -7.16 -7.14
CA ASP C 61 2.82 -6.90 -5.71
C ASP C 61 3.15 -8.15 -4.91
N SER C 62 2.70 -9.32 -5.39
CA SER C 62 2.94 -10.57 -4.66
C SER C 62 4.42 -10.93 -4.62
N VAL C 63 5.26 -10.32 -5.46
CA VAL C 63 6.68 -10.61 -5.50
C VAL C 63 7.55 -9.37 -5.34
N LYS C 64 6.96 -8.19 -5.23
CA LYS C 64 7.74 -6.96 -5.12
C LYS C 64 8.51 -6.96 -3.80
N GLY C 65 9.76 -6.48 -3.85
CA GLY C 65 10.62 -6.49 -2.71
C GLY C 65 11.36 -7.79 -2.47
N ARG C 66 10.98 -8.85 -3.18
CA ARG C 66 11.63 -10.15 -3.05
C ARG C 66 12.25 -10.65 -4.34
N PHE C 67 11.67 -10.33 -5.49
CA PHE C 67 12.20 -10.72 -6.78
C PHE C 67 12.88 -9.54 -7.45
N THR C 68 14.00 -9.81 -8.11
CA THR C 68 14.74 -8.79 -8.85
C THR C 68 15.06 -9.32 -10.23
N ILE C 69 14.66 -8.60 -11.27
CA ILE C 69 14.88 -9.01 -12.65
C ILE C 69 16.07 -8.22 -13.21
N SER C 70 16.96 -8.93 -13.89
CA SER C 70 18.18 -8.32 -14.42
C SER C 70 18.53 -8.98 -15.74
N ARG C 71 19.39 -8.31 -16.50
CA ARG C 71 19.85 -8.82 -17.79
C ARG C 71 21.36 -8.68 -17.88
N ASP C 72 21.95 -9.49 -18.77
CA ASP C 72 23.37 -9.44 -19.06
C ASP C 72 23.53 -9.40 -20.57
N ASN C 73 23.92 -8.23 -21.11
CA ASN C 73 24.06 -8.07 -22.54
C ASN C 73 25.18 -8.96 -23.09
N SER C 74 26.31 -9.03 -22.37
CA SER C 74 27.45 -9.78 -22.86
C SER C 74 27.15 -11.27 -22.97
N LYS C 75 26.29 -11.80 -22.10
CA LYS C 75 25.89 -13.19 -22.15
C LYS C 75 24.53 -13.40 -22.79
N SER C 76 23.82 -12.32 -23.13
CA SER C 76 22.50 -12.41 -23.76
C SER C 76 21.54 -13.27 -22.92
N THR C 77 21.56 -13.04 -21.61
CA THR C 77 20.81 -13.86 -20.68
C THR C 77 19.93 -12.97 -19.79
N LEU C 78 18.74 -13.47 -19.47
CA LEU C 78 17.82 -12.81 -18.56
C LEU C 78 17.78 -13.55 -17.24
N TYR C 79 17.79 -12.81 -16.14
CA TYR C 79 17.88 -13.40 -14.80
C TYR C 79 16.72 -12.93 -13.93
N LEU C 80 16.35 -13.79 -12.97
CA LEU C 80 15.36 -13.46 -11.95
C LEU C 80 15.89 -13.97 -10.62
N GLN C 81 16.22 -13.04 -9.72
CA GLN C 81 16.72 -13.38 -8.39
C GLN C 81 15.53 -13.47 -7.44
N MET C 82 15.24 -14.69 -6.98
CA MET C 82 14.09 -14.95 -6.12
C MET C 82 14.59 -15.17 -4.69
N ASN C 83 14.56 -14.11 -3.90
CA ASN C 83 14.92 -14.17 -2.49
C ASN C 83 13.67 -14.13 -1.62
N SER C 84 13.81 -14.61 -0.38
CA SER C 84 12.70 -14.68 0.57
C SER C 84 11.52 -15.44 -0.01
N LEU C 85 11.82 -16.62 -0.57
CA LEU C 85 10.80 -17.42 -1.25
C LEU C 85 9.77 -17.97 -0.26
N ARG C 86 8.54 -18.11 -0.73
CA ARG C 86 7.43 -18.63 0.04
C ARG C 86 6.89 -19.88 -0.63
N VAL C 87 6.11 -20.65 0.13
CA VAL C 87 5.50 -21.87 -0.41
C VAL C 87 4.58 -21.54 -1.57
N GLU C 88 3.87 -20.42 -1.48
CA GLU C 88 2.95 -20.01 -2.54
C GLU C 88 3.66 -19.71 -3.85
N ASP C 89 4.98 -19.47 -3.81
CA ASP C 89 5.74 -19.20 -5.02
C ASP C 89 6.05 -20.45 -5.84
N THR C 90 5.76 -21.63 -5.32
CA THR C 90 6.03 -22.87 -6.04
C THR C 90 5.22 -22.93 -7.34
N ALA C 91 5.91 -22.82 -8.48
CA ALA C 91 5.26 -22.77 -9.77
C ALA C 91 6.31 -23.02 -10.84
N VAL C 92 5.83 -23.23 -12.06
CA VAL C 92 6.69 -23.26 -13.24
C VAL C 92 6.87 -21.82 -13.72
N TYR C 93 8.11 -21.37 -13.80
CA TYR C 93 8.43 -20.00 -14.18
C TYR C 93 8.84 -19.97 -15.64
N TYR C 94 8.15 -19.14 -16.42
CA TYR C 94 8.42 -19.00 -17.84
C TYR C 94 9.18 -17.71 -18.12
N CYS C 95 10.11 -17.78 -19.06
CA CYS C 95 10.85 -16.63 -19.56
C CYS C 95 10.31 -16.31 -20.95
N ALA C 96 9.69 -15.14 -21.09
CA ALA C 96 9.01 -14.78 -22.32
C ALA C 96 9.49 -13.43 -22.82
N ARG C 97 9.54 -13.30 -24.15
CA ARG C 97 9.85 -12.03 -24.78
C ARG C 97 8.59 -11.17 -24.85
N ASP C 98 8.69 -9.95 -24.36
CA ASP C 98 7.54 -9.06 -24.26
C ASP C 98 7.56 -8.03 -25.39
N PHE C 99 6.40 -7.79 -25.99
CA PHE C 99 6.25 -6.83 -27.08
C PHE C 99 5.67 -5.55 -26.49
N GLY C 100 6.55 -4.65 -26.06
CA GLY C 100 6.12 -3.35 -25.56
C GLY C 100 5.23 -3.42 -24.33
N ASP C 101 5.52 -4.35 -23.42
CA ASP C 101 4.75 -4.53 -22.18
C ASP C 101 3.27 -4.80 -22.46
N PHE C 102 2.99 -5.47 -23.59
CA PHE C 102 1.61 -5.77 -23.97
C PHE C 102 1.33 -7.27 -23.95
N TYR C 103 2.09 -8.07 -24.70
CA TYR C 103 1.83 -9.49 -24.80
C TYR C 103 3.13 -10.23 -25.03
N PHE C 104 3.09 -11.53 -24.79
CA PHE C 104 4.28 -12.39 -24.84
C PHE C 104 4.22 -13.22 -26.11
N ASP C 105 5.09 -12.91 -27.07
CA ASP C 105 5.07 -13.58 -28.37
C ASP C 105 5.87 -14.87 -28.35
N TYR C 106 7.03 -14.89 -27.70
CA TYR C 106 7.87 -16.07 -27.62
C TYR C 106 8.11 -16.44 -26.15
N TRP C 107 8.05 -17.74 -25.88
CA TRP C 107 8.16 -18.25 -24.52
C TRP C 107 9.29 -19.27 -24.43
N GLY C 108 9.89 -19.36 -23.24
CA GLY C 108 10.83 -20.42 -22.94
C GLY C 108 10.12 -21.71 -22.60
N GLN C 109 10.91 -22.75 -22.37
CA GLN C 109 10.32 -24.06 -22.05
C GLN C 109 9.76 -24.11 -20.64
N GLY C 110 10.21 -23.21 -19.75
CA GLY C 110 9.71 -23.20 -18.38
C GLY C 110 10.51 -24.08 -17.45
N THR C 111 10.83 -23.57 -16.27
CA THR C 111 11.56 -24.33 -15.26
C THR C 111 10.72 -24.40 -13.99
N LEU C 112 10.74 -25.56 -13.34
CA LEU C 112 9.94 -25.80 -12.16
C LEU C 112 10.71 -25.38 -10.91
N VAL C 113 10.09 -24.53 -10.10
CA VAL C 113 10.64 -24.10 -8.82
C VAL C 113 9.71 -24.62 -7.73
N THR C 114 10.25 -25.41 -6.81
CA THR C 114 9.50 -25.97 -5.71
C THR C 114 10.03 -25.38 -4.41
N VAL C 115 9.15 -24.72 -3.64
CA VAL C 115 9.55 -24.10 -2.38
C VAL C 115 8.89 -24.86 -1.23
N SER C 116 9.61 -25.84 -0.68
CA SER C 116 9.08 -26.68 0.39
C SER C 116 10.21 -26.99 1.36
N SER C 117 9.83 -27.28 2.60
CA SER C 117 10.78 -27.71 3.61
C SER C 117 11.09 -29.20 3.54
N ALA C 118 10.36 -29.94 2.71
CA ALA C 118 10.58 -31.37 2.60
C ALA C 118 11.93 -31.67 1.95
N SER C 119 12.51 -32.80 2.32
CA SER C 119 13.80 -33.21 1.78
C SER C 119 13.62 -34.02 0.50
N THR C 120 14.59 -33.92 -0.39
CA THR C 120 14.56 -34.68 -1.63
C THR C 120 14.66 -36.18 -1.31
N LYS C 121 13.80 -36.96 -1.94
CA LYS C 121 13.77 -38.41 -1.74
C LYS C 121 13.67 -39.10 -3.09
N GLY C 122 14.50 -40.12 -3.29
CA GLY C 122 14.47 -40.91 -4.50
C GLY C 122 13.25 -41.79 -4.56
N PRO C 123 12.83 -42.18 -5.76
CA PRO C 123 11.63 -42.99 -5.91
C PRO C 123 11.92 -44.48 -5.73
N SER C 124 10.92 -45.17 -5.18
CA SER C 124 10.95 -46.62 -5.06
C SER C 124 10.07 -47.19 -6.16
N VAL C 125 10.64 -48.07 -6.98
CA VAL C 125 9.96 -48.61 -8.15
C VAL C 125 9.55 -50.05 -7.84
N PHE C 126 8.26 -50.34 -7.99
CA PHE C 126 7.74 -51.67 -7.74
C PHE C 126 7.00 -52.18 -8.98
N PRO C 127 7.09 -53.48 -9.26
CA PRO C 127 6.46 -54.02 -10.48
C PRO C 127 4.97 -54.26 -10.30
N LEU C 128 4.23 -53.98 -11.37
CA LEU C 128 2.82 -54.35 -11.47
C LEU C 128 2.74 -55.63 -12.29
N ALA C 129 2.49 -56.75 -11.61
CA ALA C 129 2.67 -58.06 -12.24
C ALA C 129 1.62 -58.30 -13.32
N PRO C 130 2.04 -58.63 -14.54
CA PRO C 130 1.12 -59.00 -15.64
C PRO C 130 0.69 -60.47 -15.62
N SER C 131 -0.34 -60.76 -14.83
CA SER C 131 -0.88 -62.12 -14.81
C SER C 131 -1.48 -62.46 -16.17
N SER C 132 -1.03 -63.59 -16.74
CA SER C 132 -1.43 -63.96 -18.09
C SER C 132 -2.89 -64.39 -18.17
N LYS C 133 -3.50 -64.75 -17.05
CA LYS C 133 -4.91 -65.11 -17.04
C LYS C 133 -5.82 -63.89 -16.99
N SER C 134 -5.28 -62.70 -16.79
CA SER C 134 -6.07 -61.47 -16.62
C SER C 134 -5.95 -60.65 -17.91
N THR C 135 -6.92 -60.84 -18.81
CA THR C 135 -7.02 -60.07 -20.05
C THR C 135 -8.39 -59.41 -20.09
N SER C 136 -8.40 -58.12 -20.42
CA SER C 136 -9.64 -57.35 -20.42
C SER C 136 -9.94 -56.66 -21.74
N GLY C 137 -9.02 -56.70 -22.70
CA GLY C 137 -9.25 -56.12 -24.01
C GLY C 137 -8.69 -56.95 -25.14
N GLY C 138 -8.59 -58.27 -24.91
CA GLY C 138 -7.79 -59.11 -25.78
C GLY C 138 -6.31 -58.98 -25.51
N THR C 139 -5.95 -58.27 -24.44
CA THR C 139 -4.56 -57.93 -24.12
C THR C 139 -4.35 -58.08 -22.63
N ALA C 140 -3.09 -58.31 -22.25
CA ALA C 140 -2.67 -58.24 -20.85
C ALA C 140 -2.07 -56.86 -20.58
N ALA C 141 -1.88 -56.57 -19.30
CA ALA C 141 -1.37 -55.26 -18.89
C ALA C 141 -0.31 -55.44 -17.81
N LEU C 142 0.60 -54.47 -17.75
CA LEU C 142 1.66 -54.44 -16.76
C LEU C 142 2.11 -52.99 -16.59
N GLY C 143 2.97 -52.77 -15.61
CA GLY C 143 3.47 -51.43 -15.39
C GLY C 143 4.41 -51.36 -14.21
N CYS C 144 4.85 -50.15 -13.93
CA CYS C 144 5.76 -49.86 -12.83
C CYS C 144 5.13 -48.82 -11.91
N LEU C 145 5.27 -49.04 -10.60
CA LEU C 145 4.74 -48.12 -9.60
C LEU C 145 5.90 -47.30 -9.05
N VAL C 146 5.91 -46.01 -9.34
CA VAL C 146 6.91 -45.08 -8.85
C VAL C 146 6.31 -44.37 -7.64
N LYS C 147 6.80 -44.71 -6.45
CA LYS C 147 6.16 -44.30 -5.21
C LYS C 147 7.15 -43.57 -4.30
N ASP C 148 6.63 -42.60 -3.55
CA ASP C 148 7.37 -41.93 -2.48
C ASP C 148 8.63 -41.23 -3.00
N TYR C 149 8.42 -40.24 -3.86
CA TYR C 149 9.51 -39.38 -4.33
C TYR C 149 9.13 -37.92 -4.15
N PHE C 150 10.17 -37.08 -4.07
CA PHE C 150 9.99 -35.64 -3.93
C PHE C 150 11.30 -34.97 -4.29
N PRO C 151 11.27 -33.87 -5.07
CA PRO C 151 10.09 -33.25 -5.68
C PRO C 151 9.84 -33.75 -7.10
N GLU C 152 8.94 -33.10 -7.83
CA GLU C 152 8.70 -33.44 -9.22
C GLU C 152 9.87 -32.93 -10.07
N PRO C 153 10.05 -33.49 -11.28
CA PRO C 153 9.25 -34.51 -11.96
C PRO C 153 9.91 -35.89 -12.03
N VAL C 154 9.17 -36.88 -12.55
CA VAL C 154 9.68 -38.22 -12.79
C VAL C 154 9.32 -38.62 -14.21
N THR C 155 10.31 -39.08 -14.97
CA THR C 155 10.12 -39.53 -16.34
C THR C 155 10.23 -41.05 -16.40
N VAL C 156 9.30 -41.68 -17.10
CA VAL C 156 9.26 -43.14 -17.21
C VAL C 156 9.30 -43.52 -18.68
N SER C 157 10.28 -44.34 -19.04
CA SER C 157 10.38 -44.92 -20.37
C SER C 157 10.20 -46.43 -20.27
N TRP C 158 9.98 -47.06 -21.42
CA TRP C 158 9.81 -48.51 -21.48
C TRP C 158 10.75 -49.09 -22.53
N ASN C 159 11.54 -50.09 -22.12
CA ASN C 159 12.58 -50.69 -22.97
C ASN C 159 13.52 -49.63 -23.53
N SER C 160 13.90 -48.69 -22.66
CA SER C 160 14.81 -47.59 -23.02
C SER C 160 14.28 -46.78 -24.19
N GLY C 161 12.97 -46.59 -24.23
CA GLY C 161 12.33 -45.83 -25.29
C GLY C 161 11.93 -46.64 -26.51
N ALA C 162 12.28 -47.92 -26.57
CA ALA C 162 11.94 -48.73 -27.74
C ALA C 162 10.46 -49.06 -27.79
N LEU C 163 9.78 -49.09 -26.65
CA LEU C 163 8.36 -49.43 -26.55
C LEU C 163 7.59 -48.17 -26.20
N THR C 164 6.88 -47.62 -27.19
CA THR C 164 6.06 -46.43 -26.99
C THR C 164 4.59 -46.62 -27.32
N SER C 165 4.22 -47.72 -27.96
CA SER C 165 2.83 -47.95 -28.32
C SER C 165 2.09 -48.59 -27.15
N GLY C 166 0.95 -48.02 -26.77
CA GLY C 166 0.18 -48.53 -25.67
C GLY C 166 0.67 -48.12 -24.29
N VAL C 167 1.53 -47.12 -24.22
CA VAL C 167 2.10 -46.68 -22.94
C VAL C 167 1.27 -45.55 -22.37
N HIS C 168 0.88 -45.68 -21.10
CA HIS C 168 0.16 -44.64 -20.39
C HIS C 168 0.87 -44.38 -19.07
N THR C 169 1.41 -43.18 -18.91
CA THR C 169 2.04 -42.74 -17.67
C THR C 169 1.17 -41.67 -17.04
N PHE C 170 0.63 -41.97 -15.87
CA PHE C 170 -0.34 -41.11 -15.23
C PHE C 170 0.34 -39.92 -14.56
N PRO C 171 -0.38 -38.80 -14.40
CA PRO C 171 0.19 -37.66 -13.69
C PRO C 171 0.45 -38.00 -12.22
N ALA C 172 1.46 -37.34 -11.66
CA ALA C 172 1.81 -37.55 -10.27
C ALA C 172 0.70 -37.05 -9.35
N VAL C 173 0.42 -37.83 -8.30
CA VAL C 173 -0.54 -37.45 -7.27
C VAL C 173 0.22 -37.25 -5.96
N LEU C 174 -0.15 -36.20 -5.23
CA LEU C 174 0.48 -35.91 -3.95
C LEU C 174 -0.25 -36.68 -2.86
N GLN C 175 0.46 -37.56 -2.17
CA GLN C 175 -0.12 -38.36 -1.10
C GLN C 175 -0.25 -37.53 0.17
N SER C 176 -0.98 -38.08 1.15
CA SER C 176 -1.11 -37.42 2.43
C SER C 176 0.20 -37.34 3.18
N SER C 177 1.21 -38.12 2.77
CA SER C 177 2.53 -38.08 3.37
C SER C 177 3.42 -36.99 2.80
N GLY C 178 2.94 -36.22 1.83
CA GLY C 178 3.74 -35.19 1.20
C GLY C 178 4.66 -35.68 0.10
N LEU C 179 4.61 -36.97 -0.24
CA LEU C 179 5.46 -37.54 -1.26
C LEU C 179 4.62 -37.95 -2.46
N TYR C 180 5.18 -37.80 -3.66
CA TYR C 180 4.45 -38.04 -4.89
C TYR C 180 4.53 -39.52 -5.28
N SER C 181 3.47 -39.99 -5.93
CA SER C 181 3.39 -41.34 -6.47
C SER C 181 2.94 -41.27 -7.92
N LEU C 182 3.44 -42.22 -8.72
CA LEU C 182 3.20 -42.21 -10.15
C LEU C 182 3.17 -43.64 -10.65
N SER C 183 2.22 -43.94 -11.55
CA SER C 183 2.11 -45.25 -12.16
C SER C 183 2.23 -45.09 -13.67
N SER C 184 3.02 -45.96 -14.28
CA SER C 184 3.13 -46.04 -15.74
C SER C 184 2.80 -47.46 -16.15
N VAL C 185 1.81 -47.61 -17.02
CA VAL C 185 1.31 -48.92 -17.43
C VAL C 185 1.33 -49.01 -18.94
N VAL C 186 1.63 -50.21 -19.45
CA VAL C 186 1.59 -50.47 -20.88
C VAL C 186 0.71 -51.69 -21.12
N THR C 187 0.13 -51.75 -22.32
CA THR C 187 -0.73 -52.85 -22.72
C THR C 187 0.02 -53.71 -23.72
N VAL C 188 0.17 -55.00 -23.39
CA VAL C 188 1.01 -55.90 -24.17
C VAL C 188 0.22 -57.15 -24.55
N PRO C 189 0.58 -57.84 -25.63
CA PRO C 189 -0.10 -59.10 -25.95
C PRO C 189 0.10 -60.13 -24.86
N SER C 190 -0.93 -60.92 -24.61
CA SER C 190 -0.86 -61.95 -23.58
C SER C 190 0.12 -63.07 -23.95
N SER C 191 0.40 -63.27 -25.24
CA SER C 191 1.32 -64.32 -25.66
C SER C 191 2.77 -63.95 -25.39
N SER C 192 3.11 -62.66 -25.49
CA SER C 192 4.50 -62.23 -25.38
C SER C 192 5.01 -62.18 -23.95
N LEU C 193 4.21 -62.61 -22.97
CA LEU C 193 4.64 -62.56 -21.58
C LEU C 193 5.87 -63.42 -21.35
N GLY C 194 5.85 -64.66 -21.83
CA GLY C 194 6.99 -65.54 -21.65
C GLY C 194 8.20 -65.12 -22.45
N THR C 195 7.99 -64.68 -23.69
CA THR C 195 9.10 -64.42 -24.59
C THR C 195 9.72 -63.04 -24.37
N GLN C 196 8.91 -62.00 -24.51
CA GLN C 196 9.42 -60.64 -24.42
C GLN C 196 9.68 -60.22 -22.98
N THR C 197 10.76 -59.47 -22.79
CA THR C 197 11.09 -58.88 -21.49
C THR C 197 10.78 -57.39 -21.53
N TYR C 198 9.99 -56.93 -20.57
CA TYR C 198 9.61 -55.52 -20.48
C TYR C 198 10.30 -54.88 -19.28
N ILE C 199 11.02 -53.79 -19.54
CA ILE C 199 11.77 -53.07 -18.52
C ILE C 199 11.39 -51.61 -18.58
N CYS C 200 11.03 -51.05 -17.42
CA CYS C 200 10.69 -49.63 -17.32
C CYS C 200 11.89 -48.84 -16.81
N ASN C 201 12.11 -47.67 -17.40
CA ASN C 201 13.26 -46.83 -17.08
C ASN C 201 12.75 -45.59 -16.34
N VAL C 202 12.93 -45.56 -15.03
CA VAL C 202 12.49 -44.46 -14.19
C VAL C 202 13.68 -43.53 -13.94
N ASN C 203 13.50 -42.24 -14.23
CA ASN C 203 14.55 -41.25 -14.08
C ASN C 203 14.02 -40.10 -13.23
N HIS C 204 14.69 -39.85 -12.11
CA HIS C 204 14.32 -38.78 -11.17
C HIS C 204 15.52 -37.84 -11.04
N LYS C 205 15.58 -36.87 -11.95
CA LYS C 205 16.70 -35.92 -11.95
C LYS C 205 16.84 -35.14 -10.64
N PRO C 206 15.77 -34.71 -9.96
CA PRO C 206 15.98 -34.02 -8.66
C PRO C 206 16.75 -34.84 -7.65
N SER C 207 16.70 -36.17 -7.74
CA SER C 207 17.45 -37.04 -6.82
C SER C 207 18.61 -37.75 -7.50
N ASN C 208 18.90 -37.44 -8.76
CA ASN C 208 19.96 -38.12 -9.52
C ASN C 208 19.78 -39.64 -9.49
N THR C 209 18.52 -40.08 -9.60
CA THR C 209 18.16 -41.49 -9.47
C THR C 209 17.70 -42.03 -10.81
N LYS C 210 18.23 -43.19 -11.19
CA LYS C 210 17.76 -43.93 -12.36
C LYS C 210 17.52 -45.38 -11.97
N VAL C 211 16.41 -45.94 -12.44
CA VAL C 211 16.02 -47.31 -12.13
C VAL C 211 15.54 -47.99 -13.41
N ASP C 212 16.05 -49.19 -13.68
CA ASP C 212 15.60 -50.03 -14.79
C ASP C 212 14.99 -51.27 -14.17
N LYS C 213 13.68 -51.22 -13.89
CA LYS C 213 12.97 -52.31 -13.25
C LYS C 213 12.44 -53.28 -14.29
N LYS C 214 12.73 -54.57 -14.11
CA LYS C 214 12.20 -55.61 -14.98
C LYS C 214 10.90 -56.14 -14.38
N VAL C 215 9.80 -55.93 -15.10
CA VAL C 215 8.50 -56.45 -14.69
C VAL C 215 8.27 -57.78 -15.40
N GLU C 216 7.93 -58.80 -14.62
CA GLU C 216 7.78 -60.15 -15.15
C GLU C 216 6.57 -60.81 -14.51
N PRO C 217 5.90 -61.71 -15.24
CA PRO C 217 4.74 -62.40 -14.66
C PRO C 217 5.14 -63.32 -13.53
N LYS C 218 4.22 -63.48 -12.59
CA LYS C 218 4.46 -64.34 -11.42
C LYS C 218 3.26 -65.25 -11.16
N GLU D 1 -6.23 -6.68 -10.41
CA GLU D 1 -7.18 -5.57 -10.30
C GLU D 1 -8.35 -5.79 -11.25
N ILE D 2 -8.07 -6.27 -12.44
CA ILE D 2 -9.09 -6.55 -13.46
C ILE D 2 -9.08 -8.05 -13.73
N VAL D 3 -10.25 -8.68 -13.57
CA VAL D 3 -10.37 -10.13 -13.64
C VAL D 3 -10.95 -10.52 -15.00
N LEU D 4 -10.37 -11.56 -15.60
CA LEU D 4 -10.87 -12.13 -16.85
C LEU D 4 -11.55 -13.45 -16.55
N THR D 5 -12.77 -13.61 -17.03
CA THR D 5 -13.54 -14.83 -16.85
C THR D 5 -13.76 -15.49 -18.20
N GLN D 6 -13.36 -16.75 -18.31
CA GLN D 6 -13.48 -17.50 -19.56
C GLN D 6 -14.63 -18.49 -19.47
N SER D 7 -15.49 -18.48 -20.49
CA SER D 7 -16.62 -19.38 -20.57
C SER D 7 -16.66 -20.04 -21.94
N PRO D 8 -16.91 -21.35 -22.00
CA PRO D 8 -17.10 -22.29 -20.89
C PRO D 8 -15.77 -22.69 -20.27
N GLY D 9 -15.78 -23.24 -19.05
CA GLY D 9 -14.54 -23.73 -18.47
C GLY D 9 -13.94 -24.88 -19.27
N THR D 10 -14.78 -25.81 -19.70
CA THR D 10 -14.36 -26.92 -20.55
C THR D 10 -15.36 -27.08 -21.68
N LEU D 11 -14.85 -27.50 -22.84
CA LEU D 11 -15.66 -27.64 -24.04
C LEU D 11 -15.23 -28.89 -24.80
N SER D 12 -16.20 -29.66 -25.27
CA SER D 12 -15.96 -30.89 -26.00
C SER D 12 -16.63 -30.81 -27.37
N LEU D 13 -15.84 -30.93 -28.42
CA LEU D 13 -16.34 -30.85 -29.78
C LEU D 13 -15.63 -31.87 -30.65
N SER D 14 -16.33 -32.35 -31.68
CA SER D 14 -15.75 -33.27 -32.65
C SER D 14 -14.84 -32.52 -33.62
N PRO D 15 -13.86 -33.21 -34.20
CA PRO D 15 -13.01 -32.55 -35.20
C PRO D 15 -13.82 -32.07 -36.40
N GLY D 16 -13.42 -30.91 -36.93
CA GLY D 16 -14.10 -30.29 -38.05
C GLY D 16 -15.20 -29.32 -37.68
N GLU D 17 -15.61 -29.27 -36.42
CA GLU D 17 -16.63 -28.34 -35.98
C GLU D 17 -16.02 -26.96 -35.75
N ARG D 18 -16.79 -26.06 -35.13
CA ARG D 18 -16.34 -24.71 -34.84
C ARG D 18 -16.44 -24.45 -33.35
N ALA D 19 -15.35 -23.92 -32.77
CA ALA D 19 -15.27 -23.66 -31.35
C ALA D 19 -15.36 -22.16 -31.10
N THR D 20 -16.19 -21.77 -30.15
CA THR D 20 -16.37 -20.37 -29.76
C THR D 20 -16.02 -20.24 -28.28
N LEU D 21 -14.93 -19.53 -27.99
CA LEU D 21 -14.44 -19.33 -26.63
C LEU D 21 -14.67 -17.88 -26.24
N SER D 22 -15.25 -17.66 -25.05
CA SER D 22 -15.61 -16.34 -24.58
C SER D 22 -14.69 -15.91 -23.45
N CYS D 23 -14.37 -14.62 -23.41
CA CYS D 23 -13.54 -14.03 -22.36
C CYS D 23 -14.21 -12.73 -21.93
N ARG D 24 -14.61 -12.65 -20.66
CA ARG D 24 -15.28 -11.48 -20.12
C ARG D 24 -14.37 -10.77 -19.13
N ALA D 25 -14.28 -9.45 -19.26
CA ALA D 25 -13.43 -8.63 -18.41
C ALA D 25 -14.26 -7.80 -17.46
N SER D 26 -13.72 -7.56 -16.27
CA SER D 26 -14.41 -6.74 -15.28
C SER D 26 -14.45 -5.27 -15.68
N GLN D 27 -13.51 -4.82 -16.50
CA GLN D 27 -13.49 -3.44 -16.99
C GLN D 27 -13.20 -3.45 -18.48
N SER D 28 -13.57 -2.36 -19.14
CA SER D 28 -13.27 -2.20 -20.56
C SER D 28 -11.77 -2.12 -20.77
N VAL D 29 -11.25 -2.86 -21.74
CA VAL D 29 -9.83 -2.84 -22.08
C VAL D 29 -9.57 -2.32 -23.48
N SER D 30 -10.61 -2.10 -24.29
CA SER D 30 -10.48 -1.48 -25.61
C SER D 30 -9.55 -2.28 -26.52
N SER D 31 -9.93 -3.53 -26.76
CA SER D 31 -9.26 -4.44 -27.69
C SER D 31 -7.81 -4.72 -27.30
N TYR D 32 -7.42 -4.42 -26.07
CA TYR D 32 -6.09 -4.76 -25.57
C TYR D 32 -6.11 -6.14 -24.92
N LEU D 33 -6.40 -7.14 -25.74
CA LEU D 33 -6.51 -8.52 -25.29
C LEU D 33 -5.71 -9.42 -26.22
N ALA D 34 -5.17 -10.50 -25.64
CA ALA D 34 -4.40 -11.49 -26.38
C ALA D 34 -4.88 -12.89 -26.01
N TRP D 35 -4.68 -13.83 -26.93
CA TRP D 35 -5.06 -15.22 -26.73
C TRP D 35 -3.82 -16.11 -26.79
N TYR D 36 -3.80 -17.14 -25.95
CA TYR D 36 -2.68 -18.07 -25.88
C TYR D 36 -3.21 -19.50 -25.91
N GLN D 37 -2.37 -20.40 -26.41
CA GLN D 37 -2.67 -21.83 -26.46
C GLN D 37 -1.54 -22.58 -25.76
N GLN D 38 -1.90 -23.41 -24.78
CA GLN D 38 -0.92 -24.16 -24.00
C GLN D 38 -1.27 -25.64 -24.06
N LYS D 39 -0.53 -26.40 -24.87
CA LYS D 39 -0.69 -27.84 -24.88
C LYS D 39 -0.10 -28.45 -23.61
N PRO D 40 -0.58 -29.62 -23.20
CA PRO D 40 -0.09 -30.22 -21.94
C PRO D 40 1.42 -30.43 -21.97
N GLY D 41 2.07 -29.93 -20.91
CA GLY D 41 3.52 -30.06 -20.78
C GLY D 41 4.33 -29.07 -21.59
N GLN D 42 3.70 -28.10 -22.25
CA GLN D 42 4.40 -27.14 -23.08
C GLN D 42 4.11 -25.72 -22.63
N ALA D 43 4.81 -24.78 -23.24
CA ALA D 43 4.65 -23.37 -22.96
C ALA D 43 3.50 -22.79 -23.78
N PRO D 44 2.90 -21.70 -23.30
CA PRO D 44 1.85 -21.04 -24.09
C PRO D 44 2.39 -20.53 -25.42
N ARG D 45 1.53 -20.58 -26.44
CA ARG D 45 1.85 -20.09 -27.77
C ARG D 45 0.91 -18.92 -28.09
N LEU D 46 1.49 -17.80 -28.49
CA LEU D 46 0.70 -16.62 -28.80
C LEU D 46 -0.14 -16.86 -30.05
N LEU D 47 -1.46 -16.75 -29.91
CA LEU D 47 -2.38 -16.94 -31.03
C LEU D 47 -2.87 -15.60 -31.58
N ILE D 48 -3.48 -14.77 -30.72
CA ILE D 48 -4.08 -13.51 -31.12
C ILE D 48 -3.49 -12.40 -30.29
N TYR D 49 -3.26 -11.24 -30.91
CA TYR D 49 -2.89 -10.03 -30.21
C TYR D 49 -3.76 -8.89 -30.73
N GLY D 50 -4.02 -7.92 -29.86
CA GLY D 50 -4.96 -6.87 -30.21
C GLY D 50 -6.40 -7.31 -30.31
N ALA D 51 -6.71 -8.52 -29.84
CA ALA D 51 -8.06 -9.09 -29.76
C ALA D 51 -8.61 -9.46 -31.14
N SER D 52 -7.95 -9.00 -32.22
CA SER D 52 -8.31 -9.42 -33.57
C SER D 52 -7.12 -9.83 -34.44
N SER D 53 -5.91 -9.34 -34.18
CA SER D 53 -4.80 -9.63 -35.08
C SER D 53 -4.17 -10.98 -34.77
N ARG D 54 -4.01 -11.81 -35.80
CA ARG D 54 -3.48 -13.15 -35.62
C ARG D 54 -1.96 -13.13 -35.62
N ALA D 55 -1.36 -13.92 -34.74
CA ALA D 55 0.09 -13.96 -34.64
C ALA D 55 0.70 -14.68 -35.84
N THR D 56 1.98 -14.44 -36.08
CA THR D 56 2.67 -15.04 -37.21
C THR D 56 2.75 -16.56 -37.05
N GLY D 57 2.49 -17.27 -38.16
CA GLY D 57 2.55 -18.70 -38.17
C GLY D 57 1.29 -19.40 -37.68
N ILE D 58 0.30 -18.66 -37.20
CA ILE D 58 -0.94 -19.23 -36.69
C ILE D 58 -1.87 -19.49 -37.87
N PRO D 59 -2.51 -20.65 -37.94
CA PRO D 59 -3.39 -20.96 -39.07
C PRO D 59 -4.58 -20.03 -39.15
N ASP D 60 -5.11 -19.88 -40.36
CA ASP D 60 -6.22 -18.97 -40.61
C ASP D 60 -7.47 -19.35 -39.83
N ARG D 61 -7.58 -20.60 -39.38
CA ARG D 61 -8.79 -21.03 -38.68
C ARG D 61 -8.97 -20.32 -37.35
N PHE D 62 -7.91 -19.75 -36.77
CA PHE D 62 -8.01 -18.95 -35.56
C PHE D 62 -8.32 -17.51 -35.93
N SER D 63 -9.36 -16.95 -35.32
CA SER D 63 -9.72 -15.55 -35.54
C SER D 63 -10.12 -14.92 -34.22
N GLY D 64 -9.58 -13.74 -33.95
CA GLY D 64 -9.95 -13.00 -32.77
C GLY D 64 -11.10 -12.05 -33.02
N SER D 65 -11.95 -11.89 -32.01
CA SER D 65 -13.12 -11.03 -32.12
C SER D 65 -13.44 -10.42 -30.76
N GLY D 66 -14.15 -9.32 -30.79
CA GLY D 66 -14.61 -8.67 -29.58
C GLY D 66 -13.84 -7.39 -29.29
N SER D 67 -14.44 -6.56 -28.44
CA SER D 67 -13.81 -5.34 -27.96
C SER D 67 -14.52 -4.89 -26.70
N GLY D 68 -13.83 -4.05 -25.93
CA GLY D 68 -14.42 -3.52 -24.71
C GLY D 68 -14.30 -4.46 -23.53
N THR D 69 -15.41 -5.10 -23.16
CA THR D 69 -15.44 -5.99 -22.01
C THR D 69 -15.73 -7.44 -22.35
N ASP D 70 -16.24 -7.73 -23.54
CA ASP D 70 -16.51 -9.10 -23.97
C ASP D 70 -15.70 -9.43 -25.21
N PHE D 71 -15.12 -10.63 -25.24
CA PHE D 71 -14.27 -11.06 -26.34
C PHE D 71 -14.61 -12.49 -26.72
N THR D 72 -14.23 -12.86 -27.93
CA THR D 72 -14.53 -14.19 -28.45
C THR D 72 -13.40 -14.66 -29.36
N LEU D 73 -12.91 -15.87 -29.11
CA LEU D 73 -11.96 -16.55 -29.97
C LEU D 73 -12.68 -17.70 -30.67
N THR D 74 -12.67 -17.68 -32.00
CA THR D 74 -13.36 -18.70 -32.79
C THR D 74 -12.34 -19.54 -33.54
N ILE D 75 -12.45 -20.86 -33.40
CA ILE D 75 -11.59 -21.82 -34.08
C ILE D 75 -12.48 -22.61 -35.05
N SER D 76 -12.14 -22.59 -36.33
CA SER D 76 -12.91 -23.25 -37.36
C SER D 76 -12.17 -24.49 -37.85
N ARG D 77 -12.92 -25.47 -38.32
CA ARG D 77 -12.37 -26.71 -38.88
C ARG D 77 -11.39 -27.35 -37.90
N LEU D 78 -11.91 -27.75 -36.75
CA LEU D 78 -11.08 -28.25 -35.66
C LEU D 78 -10.26 -29.45 -36.07
N GLU D 79 -8.94 -29.28 -36.11
CA GLU D 79 -7.99 -30.35 -36.29
C GLU D 79 -7.57 -30.92 -34.94
N PRO D 80 -7.13 -32.17 -34.89
CA PRO D 80 -6.77 -32.77 -33.59
C PRO D 80 -5.67 -32.02 -32.86
N GLU D 81 -4.85 -31.25 -33.56
CA GLU D 81 -3.77 -30.48 -32.94
C GLU D 81 -4.24 -29.16 -32.36
N ASP D 82 -5.50 -28.80 -32.52
CA ASP D 82 -6.05 -27.55 -31.98
C ASP D 82 -6.78 -27.75 -30.67
N PHE D 83 -6.53 -28.85 -29.97
CA PHE D 83 -7.20 -29.16 -28.71
C PHE D 83 -6.20 -29.00 -27.57
N ALA D 84 -6.36 -27.94 -26.79
CA ALA D 84 -5.50 -27.65 -25.65
C ALA D 84 -6.24 -26.65 -24.76
N VAL D 85 -5.53 -26.12 -23.78
CA VAL D 85 -6.08 -25.09 -22.89
C VAL D 85 -5.79 -23.73 -23.50
N TYR D 86 -6.81 -22.89 -23.59
CA TYR D 86 -6.69 -21.55 -24.16
C TYR D 86 -6.91 -20.51 -23.06
N TYR D 87 -6.00 -19.54 -23.00
CA TYR D 87 -6.09 -18.45 -22.04
C TYR D 87 -6.24 -17.13 -22.78
N CYS D 88 -6.96 -16.20 -22.17
CA CYS D 88 -7.02 -14.82 -22.64
C CYS D 88 -6.29 -13.92 -21.66
N GLN D 89 -5.53 -12.97 -22.20
CA GLN D 89 -4.76 -12.03 -21.40
C GLN D 89 -5.06 -10.62 -21.86
N GLN D 90 -5.28 -9.72 -20.90
CA GLN D 90 -5.51 -8.31 -21.17
C GLN D 90 -4.27 -7.50 -20.83
N TYR D 91 -4.07 -6.42 -21.57
CA TYR D 91 -2.98 -5.49 -21.29
C TYR D 91 -3.48 -4.05 -21.40
N GLY D 92 -4.72 -3.81 -20.97
CA GLY D 92 -5.26 -2.48 -20.97
C GLY D 92 -4.98 -1.72 -19.68
N SER D 93 -4.64 -2.45 -18.62
CA SER D 93 -4.36 -1.83 -17.33
C SER D 93 -3.41 -2.73 -16.54
N SER D 94 -2.35 -2.13 -16.01
CA SER D 94 -1.41 -2.88 -15.18
C SER D 94 -2.07 -3.21 -13.84
N PRO D 95 -1.79 -4.40 -13.27
CA PRO D 95 -0.95 -5.48 -13.81
C PRO D 95 -1.68 -6.31 -14.85
N ARG D 96 -0.96 -6.85 -15.83
CA ARG D 96 -1.59 -7.70 -16.84
C ARG D 96 -2.07 -9.00 -16.22
N THR D 97 -3.27 -9.42 -16.59
CA THR D 97 -3.93 -10.56 -15.99
C THR D 97 -4.36 -11.55 -17.07
N PHE D 98 -4.45 -12.81 -16.68
CA PHE D 98 -4.87 -13.90 -17.56
C PHE D 98 -6.23 -14.43 -17.15
N GLY D 99 -6.81 -15.25 -18.02
CA GLY D 99 -8.03 -15.96 -17.69
C GLY D 99 -7.75 -17.26 -16.95
N GLN D 100 -8.83 -17.93 -16.57
CA GLN D 100 -8.70 -19.22 -15.88
C GLN D 100 -8.42 -20.35 -16.85
N GLY D 101 -8.64 -20.15 -18.14
CA GLY D 101 -8.39 -21.18 -19.13
C GLY D 101 -9.67 -21.85 -19.60
N THR D 102 -9.63 -22.36 -20.83
CA THR D 102 -10.76 -23.08 -21.42
C THR D 102 -10.21 -24.35 -22.05
N LYS D 103 -10.44 -25.49 -21.41
CA LYS D 103 -9.99 -26.76 -21.95
C LYS D 103 -10.88 -27.17 -23.13
N LEU D 104 -10.26 -27.55 -24.23
CA LEU D 104 -10.97 -27.96 -25.44
C LEU D 104 -10.72 -29.45 -25.66
N GLU D 105 -11.76 -30.25 -25.49
CA GLU D 105 -11.67 -31.70 -25.60
C GLU D 105 -12.22 -32.17 -26.94
N ILE D 106 -12.02 -33.46 -27.21
CA ILE D 106 -12.48 -34.10 -28.44
C ILE D 106 -13.63 -35.03 -28.10
N LYS D 107 -14.73 -34.92 -28.86
CA LYS D 107 -15.84 -35.85 -28.75
C LYS D 107 -15.57 -37.07 -29.61
N ARG D 108 -15.97 -38.23 -29.10
CA ARG D 108 -15.83 -39.48 -29.84
C ARG D 108 -16.85 -40.48 -29.30
N THR D 109 -16.92 -41.62 -29.98
CA THR D 109 -17.86 -42.67 -29.58
C THR D 109 -17.52 -43.19 -28.19
N VAL D 110 -18.56 -43.52 -27.43
CA VAL D 110 -18.36 -44.03 -26.07
C VAL D 110 -17.62 -45.36 -26.15
N ALA D 111 -16.49 -45.44 -25.44
CA ALA D 111 -15.66 -46.64 -25.41
C ALA D 111 -15.62 -47.20 -23.99
N ALA D 112 -15.98 -48.47 -23.85
CA ALA D 112 -15.96 -49.10 -22.54
C ALA D 112 -14.53 -49.27 -22.05
N PRO D 113 -14.31 -49.18 -20.74
CA PRO D 113 -12.96 -49.32 -20.20
C PRO D 113 -12.53 -50.77 -20.07
N SER D 114 -11.22 -50.99 -20.21
CA SER D 114 -10.59 -52.26 -19.91
C SER D 114 -10.04 -52.19 -18.49
N VAL D 115 -10.48 -53.10 -17.63
CA VAL D 115 -10.20 -53.03 -16.19
C VAL D 115 -9.15 -54.08 -15.85
N PHE D 116 -8.03 -53.62 -15.28
CA PHE D 116 -6.97 -54.48 -14.79
C PHE D 116 -6.73 -54.19 -13.32
N ILE D 117 -6.45 -55.25 -12.55
CA ILE D 117 -6.18 -55.11 -11.12
C ILE D 117 -4.85 -55.80 -10.82
N PHE D 118 -4.00 -55.11 -10.06
CA PHE D 118 -2.65 -55.58 -9.77
C PHE D 118 -2.46 -55.72 -8.26
N PRO D 119 -2.16 -56.92 -7.76
CA PRO D 119 -1.82 -57.07 -6.35
C PRO D 119 -0.50 -56.41 -6.03
N PRO D 120 -0.28 -56.00 -4.78
CA PRO D 120 0.99 -55.36 -4.42
C PRO D 120 2.17 -56.30 -4.61
N SER D 121 3.31 -55.72 -4.99
CA SER D 121 4.52 -56.52 -5.21
C SER D 121 5.09 -56.98 -3.87
N ASP D 122 5.64 -58.20 -3.87
CA ASP D 122 6.26 -58.73 -2.66
C ASP D 122 7.44 -57.89 -2.22
N GLU D 123 8.15 -57.28 -3.18
CA GLU D 123 9.25 -56.40 -2.84
C GLU D 123 8.78 -55.18 -2.06
N GLN D 124 7.63 -54.62 -2.46
CA GLN D 124 7.04 -53.53 -1.68
C GLN D 124 6.52 -54.03 -0.34
N LEU D 125 6.01 -55.25 -0.28
CA LEU D 125 5.44 -55.78 0.95
C LEU D 125 6.49 -55.89 2.05
N LYS D 126 7.75 -56.11 1.68
CA LYS D 126 8.82 -56.17 2.68
C LYS D 126 8.94 -54.85 3.44
N SER D 127 8.66 -53.73 2.78
CA SER D 127 8.74 -52.43 3.42
C SER D 127 7.59 -52.15 4.38
N GLY D 128 6.57 -53.03 4.41
CA GLY D 128 5.45 -52.86 5.30
C GLY D 128 4.26 -52.12 4.73
N THR D 129 4.31 -51.74 3.45
CA THR D 129 3.23 -51.02 2.81
C THR D 129 2.74 -51.80 1.59
N ALA D 130 1.44 -51.87 1.42
CA ALA D 130 0.81 -52.57 0.30
C ALA D 130 0.06 -51.58 -0.56
N SER D 131 0.23 -51.67 -1.88
CA SER D 131 -0.45 -50.81 -2.83
C SER D 131 -1.15 -51.68 -3.87
N VAL D 132 -2.46 -51.50 -4.00
CA VAL D 132 -3.26 -52.22 -4.99
C VAL D 132 -3.66 -51.22 -6.06
N VAL D 133 -3.35 -51.54 -7.32
CA VAL D 133 -3.57 -50.63 -8.44
C VAL D 133 -4.67 -51.19 -9.32
N CYS D 134 -5.67 -50.36 -9.62
CA CYS D 134 -6.73 -50.69 -10.55
C CYS D 134 -6.63 -49.77 -11.75
N LEU D 135 -6.60 -50.34 -12.94
CA LEU D 135 -6.34 -49.60 -14.17
C LEU D 135 -7.57 -49.62 -15.07
N LEU D 136 -8.03 -48.44 -15.46
CA LEU D 136 -9.05 -48.26 -16.48
C LEU D 136 -8.39 -47.67 -17.71
N ASN D 137 -8.38 -48.41 -18.81
CA ASN D 137 -7.59 -48.07 -19.97
C ASN D 137 -8.47 -47.85 -21.20
N ASN D 138 -8.24 -46.74 -21.90
CA ASN D 138 -8.84 -46.45 -23.20
C ASN D 138 -10.37 -46.45 -23.12
N PHE D 139 -10.89 -45.50 -22.37
CA PHE D 139 -12.33 -45.32 -22.21
C PHE D 139 -12.72 -43.88 -22.50
N TYR D 140 -13.99 -43.72 -22.88
CA TYR D 140 -14.59 -42.41 -23.14
C TYR D 140 -16.08 -42.55 -22.87
N PRO D 141 -16.71 -41.56 -22.22
CA PRO D 141 -16.17 -40.28 -21.75
C PRO D 141 -15.30 -40.38 -20.50
N ARG D 142 -14.81 -39.25 -20.01
CA ARG D 142 -13.86 -39.25 -18.90
C ARG D 142 -14.48 -39.74 -17.60
N GLU D 143 -15.77 -39.46 -17.38
CA GLU D 143 -16.40 -39.83 -16.12
C GLU D 143 -16.38 -41.33 -15.92
N ALA D 144 -15.98 -41.77 -14.74
CA ALA D 144 -15.88 -43.19 -14.42
C ALA D 144 -15.86 -43.37 -12.92
N LYS D 145 -16.73 -44.23 -12.41
CA LYS D 145 -16.81 -44.49 -10.98
C LYS D 145 -15.99 -45.74 -10.65
N VAL D 146 -15.09 -45.62 -9.69
CA VAL D 146 -14.24 -46.72 -9.24
C VAL D 146 -14.47 -46.89 -7.75
N GLN D 147 -14.86 -48.09 -7.34
CA GLN D 147 -15.14 -48.40 -5.95
C GLN D 147 -14.28 -49.59 -5.52
N TRP D 148 -13.64 -49.47 -4.37
CA TRP D 148 -12.83 -50.54 -3.79
C TRP D 148 -13.65 -51.30 -2.77
N LYS D 149 -13.71 -52.63 -2.92
CA LYS D 149 -14.45 -53.49 -2.02
C LYS D 149 -13.51 -54.58 -1.52
N VAL D 150 -13.24 -54.60 -0.22
CA VAL D 150 -12.33 -55.54 0.41
C VAL D 150 -13.15 -56.51 1.25
N ASP D 151 -13.14 -57.79 0.87
CA ASP D 151 -14.02 -58.79 1.46
C ASP D 151 -15.48 -58.33 1.41
N ASN D 152 -15.87 -57.81 0.25
CA ASN D 152 -17.22 -57.30 -0.01
C ASN D 152 -17.57 -56.13 0.91
N ALA D 153 -16.57 -55.43 1.45
CA ALA D 153 -16.78 -54.24 2.26
C ALA D 153 -16.22 -53.04 1.51
N LEU D 154 -17.09 -52.07 1.21
CA LEU D 154 -16.67 -50.89 0.44
C LEU D 154 -15.62 -50.10 1.22
N GLN D 155 -14.62 -49.61 0.49
CA GLN D 155 -13.48 -48.93 1.09
C GLN D 155 -13.45 -47.47 0.64
N SER D 156 -13.02 -46.60 1.54
CA SER D 156 -12.93 -45.18 1.24
C SER D 156 -11.82 -44.55 2.07
N GLY D 157 -11.29 -43.43 1.57
CA GLY D 157 -10.29 -42.66 2.28
C GLY D 157 -8.87 -43.13 2.13
N ASN D 158 -8.63 -44.25 1.44
CA ASN D 158 -7.29 -44.77 1.24
C ASN D 158 -6.98 -45.01 -0.23
N SER D 159 -7.73 -44.39 -1.14
CA SER D 159 -7.54 -44.57 -2.57
C SER D 159 -7.38 -43.22 -3.25
N GLN D 160 -6.50 -43.16 -4.24
CA GLN D 160 -6.28 -41.96 -5.05
C GLN D 160 -6.40 -42.32 -6.52
N GLU D 161 -7.07 -41.45 -7.28
CA GLU D 161 -7.28 -41.66 -8.70
C GLU D 161 -6.44 -40.68 -9.51
N SER D 162 -5.88 -41.17 -10.60
CA SER D 162 -5.12 -40.36 -11.54
C SER D 162 -5.58 -40.65 -12.95
N VAL D 163 -5.78 -39.60 -13.75
CA VAL D 163 -6.31 -39.71 -15.10
C VAL D 163 -5.31 -39.09 -16.07
N THR D 164 -5.02 -39.81 -17.15
CA THR D 164 -4.20 -39.26 -18.21
C THR D 164 -5.00 -38.23 -19.01
N GLU D 165 -4.27 -37.38 -19.74
CA GLU D 165 -4.90 -36.53 -20.72
C GLU D 165 -5.39 -37.36 -21.89
N GLN D 166 -6.19 -36.73 -22.76
CA GLN D 166 -6.71 -37.44 -23.93
C GLN D 166 -5.56 -37.94 -24.79
N ASP D 167 -5.66 -39.20 -25.19
CA ASP D 167 -4.62 -39.81 -26.03
C ASP D 167 -4.62 -39.19 -27.42
N SER D 168 -3.44 -39.10 -28.02
CA SER D 168 -3.32 -38.57 -29.37
C SER D 168 -3.75 -39.58 -30.43
N LYS D 169 -3.83 -40.86 -30.08
CA LYS D 169 -4.15 -41.91 -31.04
C LYS D 169 -5.66 -42.12 -31.18
N ASP D 170 -6.33 -42.39 -30.06
CA ASP D 170 -7.76 -42.70 -30.07
C ASP D 170 -8.60 -41.72 -29.26
N SER D 171 -7.98 -40.67 -28.73
CA SER D 171 -8.68 -39.64 -27.94
C SER D 171 -9.46 -40.28 -26.79
N THR D 172 -8.82 -41.20 -26.08
CA THR D 172 -9.43 -41.88 -24.94
C THR D 172 -8.64 -41.59 -23.68
N TYR D 173 -9.32 -41.65 -22.55
CA TYR D 173 -8.70 -41.45 -21.25
C TYR D 173 -8.24 -42.78 -20.66
N SER D 174 -7.32 -42.67 -19.69
CA SER D 174 -6.91 -43.81 -18.88
C SER D 174 -6.89 -43.37 -17.42
N LEU D 175 -7.41 -44.22 -16.54
CA LEU D 175 -7.52 -43.90 -15.13
C LEU D 175 -6.88 -45.00 -14.30
N SER D 176 -6.16 -44.60 -13.26
CA SER D 176 -5.55 -45.53 -12.31
C SER D 176 -5.96 -45.13 -10.91
N SER D 177 -6.46 -46.10 -10.13
CA SER D 177 -6.80 -45.92 -8.73
C SER D 177 -5.92 -46.82 -7.90
N THR D 178 -5.23 -46.23 -6.91
CA THR D 178 -4.29 -46.96 -6.07
C THR D 178 -4.81 -46.99 -4.64
N LEU D 179 -4.84 -48.18 -4.04
CA LEU D 179 -5.30 -48.38 -2.68
C LEU D 179 -4.10 -48.63 -1.78
N THR D 180 -3.87 -47.72 -0.85
CA THR D 180 -2.70 -47.79 0.03
C THR D 180 -3.10 -48.36 1.39
N LEU D 181 -2.41 -49.43 1.79
CA LEU D 181 -2.66 -50.10 3.05
C LEU D 181 -1.34 -50.49 3.70
N SER D 182 -1.38 -50.73 5.00
CA SER D 182 -0.25 -51.33 5.69
C SER D 182 -0.28 -52.85 5.48
N LYS D 183 0.87 -53.48 5.70
CA LYS D 183 0.93 -54.94 5.51
C LYS D 183 0.02 -55.65 6.50
N ALA D 184 -0.07 -55.12 7.73
CA ALA D 184 -0.96 -55.73 8.72
C ALA D 184 -2.41 -55.68 8.28
N ASP D 185 -2.87 -54.52 7.83
CA ASP D 185 -4.25 -54.40 7.34
C ASP D 185 -4.44 -55.16 6.03
N TYR D 186 -3.41 -55.22 5.19
CA TYR D 186 -3.55 -55.88 3.90
C TYR D 186 -3.75 -57.39 4.07
N GLU D 187 -3.07 -57.99 5.04
CA GLU D 187 -3.13 -59.44 5.22
C GLU D 187 -4.23 -59.87 6.17
N LYS D 188 -5.07 -58.94 6.64
CA LYS D 188 -6.22 -59.27 7.46
C LYS D 188 -7.48 -59.54 6.64
N HIS D 189 -7.38 -59.46 5.31
CA HIS D 189 -8.53 -59.68 4.44
C HIS D 189 -8.08 -60.50 3.24
N LYS D 190 -9.05 -61.16 2.60
CA LYS D 190 -8.78 -62.12 1.54
C LYS D 190 -9.10 -61.58 0.16
N VAL D 191 -10.33 -61.13 -0.07
CA VAL D 191 -10.80 -60.75 -1.41
C VAL D 191 -10.63 -59.25 -1.59
N TYR D 192 -9.90 -58.86 -2.62
CA TYR D 192 -9.71 -57.48 -3.00
C TYR D 192 -10.28 -57.28 -4.40
N ALA D 193 -11.25 -56.36 -4.52
CA ALA D 193 -11.98 -56.17 -5.76
C ALA D 193 -12.02 -54.70 -6.13
N CYS D 194 -12.18 -54.47 -7.44
CA CYS D 194 -12.29 -53.12 -7.99
C CYS D 194 -13.54 -53.07 -8.86
N GLU D 195 -14.54 -52.30 -8.43
CA GLU D 195 -15.81 -52.19 -9.15
C GLU D 195 -15.82 -50.91 -9.96
N VAL D 196 -16.07 -51.04 -11.27
CA VAL D 196 -15.98 -49.93 -12.21
C VAL D 196 -17.35 -49.70 -12.83
N THR D 197 -17.81 -48.45 -12.79
CA THR D 197 -19.05 -48.04 -13.43
C THR D 197 -18.74 -47.03 -14.52
N HIS D 198 -19.25 -47.26 -15.72
CA HIS D 198 -18.97 -46.39 -16.85
C HIS D 198 -20.13 -46.46 -17.83
N GLN D 199 -20.22 -45.42 -18.67
CA GLN D 199 -21.32 -45.33 -19.62
C GLN D 199 -21.27 -46.45 -20.66
N GLY D 200 -20.06 -46.85 -21.05
CA GLY D 200 -19.90 -47.92 -22.02
C GLY D 200 -20.12 -49.31 -21.51
N LEU D 201 -20.41 -49.46 -20.22
CA LEU D 201 -20.68 -50.75 -19.60
C LEU D 201 -22.15 -50.83 -19.21
N SER D 202 -22.83 -51.88 -19.65
CA SER D 202 -24.24 -52.06 -19.30
C SER D 202 -24.41 -52.27 -17.80
N SER D 203 -23.56 -53.08 -17.20
CA SER D 203 -23.54 -53.32 -15.77
C SER D 203 -22.11 -53.12 -15.25
N PRO D 204 -21.95 -52.79 -13.97
CA PRO D 204 -20.60 -52.57 -13.45
C PRO D 204 -19.71 -53.79 -13.61
N VAL D 205 -18.46 -53.53 -13.95
CA VAL D 205 -17.46 -54.58 -14.17
C VAL D 205 -16.54 -54.61 -12.95
N THR D 206 -16.40 -55.79 -12.35
CA THR D 206 -15.58 -55.97 -11.16
C THR D 206 -14.46 -56.96 -11.47
N LYS D 207 -13.22 -56.53 -11.20
CA LYS D 207 -12.06 -57.40 -11.28
C LYS D 207 -11.50 -57.59 -9.87
N SER D 208 -11.26 -58.84 -9.50
CA SER D 208 -10.86 -59.16 -8.13
C SER D 208 -9.73 -60.18 -8.14
N PHE D 209 -8.91 -60.13 -7.10
CA PHE D 209 -7.92 -61.15 -6.81
C PHE D 209 -8.01 -61.52 -5.34
N ASN D 210 -7.77 -62.79 -5.05
CA ASN D 210 -7.71 -63.27 -3.67
C ASN D 210 -6.25 -63.36 -3.25
N ARG D 211 -5.93 -62.74 -2.12
CA ARG D 211 -4.56 -62.73 -1.63
C ARG D 211 -4.05 -64.15 -1.46
N GLY D 212 -2.90 -64.44 -2.08
CA GLY D 212 -2.44 -65.80 -2.19
C GLY D 212 -2.61 -66.33 -3.61
N GLU D 213 -3.64 -67.16 -3.81
CA GLU D 213 -4.01 -67.77 -5.09
C GLU D 213 -3.19 -67.37 -6.32
N ASN E 2 0.84 43.70 -23.61
CA ASN E 2 2.16 43.07 -23.61
C ASN E 2 2.14 41.82 -22.73
N LEU E 3 1.06 41.05 -22.84
CA LEU E 3 0.88 39.86 -22.02
C LEU E 3 1.45 38.63 -22.73
N CYS E 4 1.83 37.63 -21.93
CA CYS E 4 2.41 36.41 -22.47
C CYS E 4 1.31 35.55 -23.11
N PRO E 5 1.63 34.86 -24.21
CA PRO E 5 0.60 34.11 -24.96
C PRO E 5 0.33 32.71 -24.41
N PHE E 6 -0.16 32.65 -23.17
CA PHE E 6 -0.58 31.37 -22.62
C PHE E 6 -1.82 30.82 -23.33
N GLY E 7 -2.59 31.68 -24.00
CA GLY E 7 -3.76 31.21 -24.72
C GLY E 7 -3.41 30.33 -25.90
N GLU E 8 -2.33 30.66 -26.61
CA GLU E 8 -1.93 29.85 -27.75
C GLU E 8 -1.50 28.44 -27.34
N VAL E 9 -1.15 28.24 -26.08
CA VAL E 9 -0.70 26.93 -25.62
C VAL E 9 -1.85 26.10 -25.07
N PHE E 10 -2.73 26.71 -24.26
CA PHE E 10 -3.84 25.99 -23.65
C PHE E 10 -5.07 25.93 -24.54
N ASN E 11 -5.43 27.05 -25.18
CA ASN E 11 -6.57 27.09 -26.09
C ASN E 11 -6.20 26.66 -27.51
N ALA E 12 -5.08 25.97 -27.69
CA ALA E 12 -4.67 25.54 -29.01
C ALA E 12 -5.69 24.59 -29.61
N THR E 13 -5.99 24.78 -30.90
CA THR E 13 -6.97 23.93 -31.57
C THR E 13 -6.49 22.48 -31.64
N ARG E 14 -5.21 22.28 -31.97
CA ARG E 14 -4.64 20.95 -32.08
C ARG E 14 -3.42 20.83 -31.17
N PHE E 15 -3.29 19.69 -30.52
CA PHE E 15 -2.15 19.39 -29.65
C PHE E 15 -1.23 18.39 -30.32
N ALA E 16 0.01 18.36 -29.85
CA ALA E 16 1.02 17.49 -30.41
C ALA E 16 0.98 16.11 -29.77
N SER E 17 1.57 15.14 -30.45
CA SER E 17 1.79 13.83 -29.86
C SER E 17 2.92 13.91 -28.83
N VAL E 18 2.91 12.97 -27.89
CA VAL E 18 3.85 13.04 -26.78
C VAL E 18 5.29 12.85 -27.25
N TYR E 19 5.51 12.03 -28.29
CA TYR E 19 6.87 11.86 -28.80
C TYR E 19 7.38 13.13 -29.47
N ALA E 20 6.48 13.93 -30.03
CA ALA E 20 6.85 15.17 -30.70
C ALA E 20 6.27 16.36 -29.95
N TRP E 21 6.40 16.34 -28.62
CA TRP E 21 5.79 17.37 -27.78
C TRP E 21 6.30 18.76 -28.16
N ASN E 22 5.37 19.72 -28.19
CA ASN E 22 5.68 21.09 -28.60
C ASN E 22 6.07 21.94 -27.41
N ARG E 23 7.10 22.76 -27.59
CA ARG E 23 7.57 23.69 -26.59
C ARG E 23 7.46 25.11 -27.12
N LYS E 24 6.88 25.99 -26.32
CA LYS E 24 6.76 27.41 -26.65
C LYS E 24 7.68 28.19 -25.73
N ARG E 25 8.56 29.00 -26.32
CA ARG E 25 9.50 29.81 -25.55
C ARG E 25 8.85 31.15 -25.25
N ILE E 26 8.43 31.33 -24.01
CA ILE E 26 7.78 32.57 -23.57
C ILE E 26 8.83 33.47 -22.94
N SER E 27 9.00 34.67 -23.51
CA SER E 27 9.97 35.62 -23.00
C SER E 27 9.54 37.02 -23.39
N ASN E 28 10.02 38.00 -22.63
CA ASN E 28 9.78 39.42 -22.88
C ASN E 28 8.28 39.73 -22.96
N CYS E 29 7.59 39.44 -21.85
CA CYS E 29 6.16 39.71 -21.75
C CYS E 29 5.78 39.69 -20.27
N VAL E 30 4.55 40.12 -19.99
CA VAL E 30 4.01 40.15 -18.65
C VAL E 30 3.07 38.97 -18.49
N ALA E 31 3.43 38.03 -17.61
CA ALA E 31 2.68 36.79 -17.45
C ALA E 31 1.60 36.98 -16.39
N ASP E 32 0.34 36.88 -16.82
CA ASP E 32 -0.76 37.05 -15.89
C ASP E 32 -0.83 35.90 -14.89
N TYR E 33 -0.72 34.67 -15.38
CA TYR E 33 -0.84 33.41 -14.64
C TYR E 33 -2.22 33.21 -14.05
N SER E 34 -3.14 34.16 -14.21
CA SER E 34 -4.44 34.12 -13.54
C SER E 34 -5.53 33.49 -14.39
N VAL E 35 -5.37 33.48 -15.72
CA VAL E 35 -6.28 32.69 -16.55
C VAL E 35 -6.19 31.22 -16.18
N LEU E 36 -5.01 30.79 -15.75
CA LEU E 36 -4.84 29.51 -15.07
C LEU E 36 -5.12 29.69 -13.59
N TYR E 37 -5.34 28.56 -12.91
CA TYR E 37 -5.82 28.46 -11.52
C TYR E 37 -7.18 29.12 -11.32
N ASN E 38 -7.81 29.60 -12.40
CA ASN E 38 -9.19 30.10 -12.35
C ASN E 38 -10.16 29.26 -13.17
N SER E 39 -9.70 28.68 -14.28
CA SER E 39 -10.55 27.79 -15.05
C SER E 39 -10.80 26.49 -14.30
N ALA E 40 -12.05 26.03 -14.33
CA ALA E 40 -12.43 24.81 -13.63
C ALA E 40 -12.20 23.56 -14.46
N SER E 41 -11.84 23.70 -15.74
CA SER E 41 -11.62 22.54 -16.60
C SER E 41 -10.17 22.07 -16.50
N PHE E 42 -9.84 21.53 -15.32
CA PHE E 42 -8.50 21.03 -15.04
C PHE E 42 -8.62 19.77 -14.20
N SER E 43 -8.25 18.63 -14.78
CA SER E 43 -8.29 17.38 -14.03
C SER E 43 -7.19 17.33 -12.97
N THR E 44 -5.97 17.72 -13.34
CA THR E 44 -4.85 17.77 -12.41
C THR E 44 -4.11 19.09 -12.58
N PHE E 45 -3.63 19.64 -11.46
CA PHE E 45 -2.82 20.85 -11.45
C PHE E 45 -1.77 20.65 -10.35
N LYS E 46 -0.63 20.08 -10.72
CA LYS E 46 0.41 19.72 -9.76
C LYS E 46 1.62 20.61 -9.99
N CYS E 47 1.99 21.38 -8.96
CA CYS E 47 3.13 22.28 -9.03
C CYS E 47 4.20 21.82 -8.06
N TYR E 48 5.43 21.74 -8.55
CA TYR E 48 6.57 21.25 -7.78
C TYR E 48 7.54 22.40 -7.53
N GLY E 49 7.93 22.60 -6.27
CA GLY E 49 8.93 23.58 -5.94
C GLY E 49 8.42 25.01 -5.84
N VAL E 50 7.44 25.36 -6.68
CA VAL E 50 6.89 26.71 -6.71
C VAL E 50 5.37 26.62 -6.63
N SER E 51 4.76 27.74 -6.23
CA SER E 51 3.32 27.85 -6.04
C SER E 51 2.72 28.77 -7.07
N PRO E 52 1.65 28.36 -7.76
CA PRO E 52 1.02 29.26 -8.75
C PRO E 52 0.44 30.52 -8.14
N THR E 53 0.03 30.47 -6.87
CA THR E 53 -0.51 31.68 -6.24
C THR E 53 0.55 32.77 -6.14
N LYS E 54 1.78 32.39 -5.79
CA LYS E 54 2.89 33.34 -5.70
C LYS E 54 3.56 33.60 -7.04
N LEU E 55 3.05 32.99 -8.12
CA LEU E 55 3.67 33.17 -9.43
C LEU E 55 3.53 34.60 -9.93
N ASN E 56 2.42 35.27 -9.58
CA ASN E 56 2.20 36.66 -9.98
C ASN E 56 3.18 37.63 -9.34
N ASP E 57 4.08 37.15 -8.46
CA ASP E 57 5.03 38.00 -7.77
C ASP E 57 6.47 37.60 -8.06
N LEU E 58 6.71 36.89 -9.17
CA LEU E 58 8.02 36.35 -9.49
C LEU E 58 8.45 36.78 -10.88
N CYS E 59 9.77 36.83 -11.09
CA CYS E 59 10.36 37.16 -12.38
C CYS E 59 11.27 36.02 -12.83
N PHE E 60 11.15 35.63 -14.09
CA PHE E 60 11.97 34.57 -14.67
C PHE E 60 12.57 35.04 -15.98
N THR E 61 13.75 34.50 -16.31
CA THR E 61 14.38 34.86 -17.57
C THR E 61 13.67 34.20 -18.76
N ASN E 62 13.11 33.01 -18.56
CA ASN E 62 12.38 32.31 -19.61
C ASN E 62 11.34 31.40 -18.96
N VAL E 63 10.24 31.18 -19.68
CA VAL E 63 9.18 30.26 -19.25
C VAL E 63 8.87 29.33 -20.41
N TYR E 64 8.88 28.03 -20.15
CA TYR E 64 8.66 27.00 -21.15
C TYR E 64 7.32 26.33 -20.93
N ALA E 65 6.54 26.21 -22.01
CA ALA E 65 5.26 25.50 -21.98
C ALA E 65 5.33 24.34 -22.94
N ASP E 66 5.06 23.13 -22.45
CA ASP E 66 5.13 21.91 -23.24
C ASP E 66 3.74 21.32 -23.40
N SER E 67 3.35 21.07 -24.64
CA SER E 67 2.00 20.60 -24.96
C SER E 67 2.07 19.24 -25.63
N PHE E 68 1.24 18.31 -25.17
CA PHE E 68 1.08 17.00 -25.80
C PHE E 68 -0.21 16.38 -25.31
N VAL E 69 -0.51 15.17 -25.82
CA VAL E 69 -1.69 14.43 -25.45
C VAL E 69 -1.29 13.01 -25.09
N ILE E 70 -1.76 12.52 -23.94
CA ILE E 70 -1.52 11.17 -23.48
C ILE E 70 -2.81 10.59 -22.90
N ARG E 71 -2.76 9.32 -22.53
CA ARG E 71 -3.89 8.66 -21.89
C ARG E 71 -3.96 9.03 -20.42
N GLY E 72 -5.15 8.85 -19.85
CA GLY E 72 -5.34 9.14 -18.43
C GLY E 72 -4.46 8.29 -17.54
N ASP E 73 -4.28 7.01 -17.90
CA ASP E 73 -3.38 6.14 -17.14
C ASP E 73 -1.96 6.68 -17.11
N GLU E 74 -1.57 7.46 -18.13
CA GLU E 74 -0.20 7.91 -18.29
C GLU E 74 0.05 9.30 -17.75
N VAL E 75 -0.99 10.03 -17.31
CA VAL E 75 -0.79 11.35 -16.73
C VAL E 75 -0.01 11.24 -15.43
N ARG E 76 -0.11 10.11 -14.73
CA ARG E 76 0.64 9.91 -13.49
C ARG E 76 2.15 9.97 -13.74
N GLN E 77 2.60 9.58 -14.93
CA GLN E 77 4.02 9.50 -15.22
C GLN E 77 4.64 10.86 -15.54
N ILE E 78 3.84 11.91 -15.71
CA ILE E 78 4.38 13.25 -15.98
C ILE E 78 4.62 13.88 -14.60
N ALA E 79 5.76 13.53 -14.01
CA ALA E 79 6.15 13.97 -12.68
C ALA E 79 7.60 13.60 -12.44
N PRO E 80 8.32 14.32 -11.58
CA PRO E 80 9.71 13.97 -11.29
C PRO E 80 9.82 12.59 -10.67
N GLY E 81 10.88 11.87 -11.04
CA GLY E 81 11.12 10.54 -10.51
C GLY E 81 10.07 9.51 -10.88
N GLN E 82 9.50 9.60 -12.08
CA GLN E 82 8.49 8.66 -12.54
C GLN E 82 9.07 7.76 -13.62
N THR E 83 8.50 6.57 -13.75
CA THR E 83 8.95 5.60 -14.74
C THR E 83 7.76 5.01 -15.47
N GLY E 84 8.01 4.50 -16.67
CA GLY E 84 6.97 3.96 -17.52
C GLY E 84 7.24 4.22 -18.99
N LYS E 85 6.36 3.78 -19.88
CA LYS E 85 6.61 3.97 -21.30
C LYS E 85 6.61 5.45 -21.68
N ILE E 86 5.67 6.23 -21.13
CA ILE E 86 5.62 7.65 -21.44
C ILE E 86 6.78 8.39 -20.80
N ALA E 87 7.11 8.06 -19.55
CA ALA E 87 8.15 8.80 -18.84
C ALA E 87 9.54 8.52 -19.41
N ASP E 88 9.78 7.29 -19.85
CA ASP E 88 11.12 6.89 -20.27
C ASP E 88 11.42 7.14 -21.73
N TYR E 89 10.40 7.10 -22.60
CA TYR E 89 10.63 7.13 -24.04
C TYR E 89 9.96 8.28 -24.76
N ASN E 90 9.06 9.03 -24.11
CA ASN E 90 8.35 10.11 -24.77
C ASN E 90 8.58 11.47 -24.13
N TYR E 91 8.43 11.58 -22.81
CA TYR E 91 8.59 12.86 -22.13
C TYR E 91 9.05 12.59 -20.70
N LYS E 92 10.22 13.11 -20.36
CA LYS E 92 10.83 12.89 -19.06
C LYS E 92 11.06 14.23 -18.36
N LEU E 93 10.61 14.34 -17.12
CA LEU E 93 10.88 15.51 -16.31
C LEU E 93 12.09 15.25 -15.41
N PRO E 94 12.89 16.27 -15.13
CA PRO E 94 14.01 16.09 -14.19
C PRO E 94 13.52 15.76 -12.79
N ASP E 95 14.33 15.01 -12.05
CA ASP E 95 13.96 14.60 -10.70
C ASP E 95 13.81 15.79 -9.76
N ASP E 96 14.43 16.92 -10.08
CA ASP E 96 14.31 18.15 -9.29
C ASP E 96 13.49 19.19 -10.05
N PHE E 97 12.43 18.73 -10.72
CA PHE E 97 11.61 19.62 -11.53
C PHE E 97 10.95 20.68 -10.67
N THR E 98 11.04 21.94 -11.11
CA THR E 98 10.38 23.05 -10.47
C THR E 98 9.45 23.71 -11.49
N GLY E 99 8.15 23.50 -11.31
CA GLY E 99 7.18 23.99 -12.25
C GLY E 99 5.82 23.35 -11.98
N CYS E 100 4.97 23.36 -12.99
CA CYS E 100 3.63 22.81 -12.87
C CYS E 100 3.32 21.92 -14.05
N VAL E 101 2.59 20.83 -13.78
CA VAL E 101 2.05 19.95 -14.81
C VAL E 101 0.53 20.08 -14.76
N ILE E 102 -0.06 20.53 -15.87
CA ILE E 102 -1.48 20.85 -15.94
C ILE E 102 -2.12 19.97 -16.99
N ALA E 103 -3.11 19.18 -16.58
CA ALA E 103 -3.78 18.26 -17.48
C ALA E 103 -5.29 18.37 -17.29
N TRP E 104 -6.02 18.16 -18.39
CA TRP E 104 -7.48 18.17 -18.37
C TRP E 104 -8.00 17.21 -19.42
N ASN E 105 -9.20 16.67 -19.16
CA ASN E 105 -9.81 15.74 -20.11
C ASN E 105 -10.22 16.46 -21.38
N SER E 106 -9.98 15.80 -22.52
CA SER E 106 -10.29 16.37 -23.83
C SER E 106 -10.95 15.32 -24.71
N ASN E 107 -11.84 14.51 -24.14
CA ASN E 107 -12.55 13.50 -24.92
C ASN E 107 -13.42 14.14 -25.98
N ASN E 108 -13.96 15.33 -25.71
CA ASN E 108 -14.83 15.99 -26.69
C ASN E 108 -14.07 16.45 -27.92
N LEU E 109 -12.80 16.81 -27.77
CA LEU E 109 -12.03 17.40 -28.85
C LEU E 109 -11.14 16.40 -29.58
N ASP E 110 -10.48 15.50 -28.86
CA ASP E 110 -9.46 14.64 -29.44
C ASP E 110 -9.93 13.22 -29.71
N SER E 111 -11.22 12.95 -29.57
CA SER E 111 -11.77 11.63 -29.85
C SER E 111 -12.71 11.69 -31.04
N LYS E 112 -12.45 10.87 -32.04
CA LYS E 112 -13.31 10.73 -33.20
C LYS E 112 -14.19 9.48 -33.04
N VAL E 113 -15.20 9.38 -33.91
CA VAL E 113 -16.22 8.34 -33.75
C VAL E 113 -15.59 6.95 -33.89
N GLY E 114 -14.73 6.76 -34.89
CA GLY E 114 -14.10 5.48 -35.09
C GLY E 114 -12.68 5.42 -34.56
N GLY E 115 -12.32 6.38 -33.71
CA GLY E 115 -10.98 6.43 -33.16
C GLY E 115 -10.11 7.44 -33.85
N ASN E 116 -9.46 8.32 -33.07
CA ASN E 116 -8.62 9.35 -33.65
C ASN E 116 -7.38 8.74 -34.31
N TYR E 117 -6.66 7.88 -33.57
CA TYR E 117 -5.49 7.15 -34.06
C TYR E 117 -4.41 8.07 -34.63
N ASN E 118 -4.47 9.37 -34.32
CA ASN E 118 -3.47 10.32 -34.79
C ASN E 118 -2.43 10.67 -33.75
N TYR E 119 -2.80 10.67 -32.47
CA TYR E 119 -1.84 10.90 -31.39
C TYR E 119 -1.00 9.63 -31.20
N LEU E 120 0.31 9.77 -31.27
CA LEU E 120 1.22 8.64 -31.18
C LEU E 120 2.05 8.73 -29.91
N TYR E 121 2.72 7.62 -29.59
CA TYR E 121 3.68 7.58 -28.50
C TYR E 121 4.78 6.58 -28.86
N ARG E 122 5.97 6.83 -28.34
CA ARG E 122 7.13 6.00 -28.65
C ARG E 122 7.07 4.72 -27.82
N LEU E 123 7.04 3.58 -28.50
CA LEU E 123 6.89 2.29 -27.83
C LEU E 123 8.23 1.62 -27.58
N PHE E 124 9.18 1.75 -28.49
CA PHE E 124 10.47 1.10 -28.39
C PHE E 124 11.59 2.13 -28.41
N ARG E 125 12.57 1.94 -27.53
CA ARG E 125 13.76 2.78 -27.50
C ARG E 125 14.83 2.07 -26.68
N LYS E 126 16.06 2.05 -27.19
CA LYS E 126 17.13 1.28 -26.57
C LYS E 126 17.64 1.91 -25.29
N SER E 127 17.32 3.17 -25.02
CA SER E 127 17.73 3.80 -23.77
C SER E 127 16.72 4.86 -23.39
N ASN E 128 16.66 5.17 -22.10
CA ASN E 128 15.71 6.15 -21.59
C ASN E 128 16.10 7.56 -22.02
N LEU E 129 15.09 8.39 -22.23
CA LEU E 129 15.33 9.78 -22.58
C LEU E 129 15.95 10.54 -21.41
N LYS E 130 16.87 11.44 -21.74
CA LYS E 130 17.34 12.41 -20.77
C LYS E 130 16.24 13.44 -20.53
N PRO E 131 16.30 14.18 -19.41
CA PRO E 131 15.25 15.16 -19.13
C PRO E 131 15.12 16.20 -20.24
N PHE E 132 13.87 16.55 -20.55
CA PHE E 132 13.55 17.55 -21.57
C PHE E 132 14.13 17.18 -22.93
N GLU E 133 14.08 15.90 -23.28
CA GLU E 133 14.55 15.41 -24.56
C GLU E 133 13.38 15.12 -25.48
N ARG E 134 13.59 15.37 -26.77
CA ARG E 134 12.55 15.22 -27.79
C ARG E 134 13.09 14.32 -28.90
N ASP E 135 12.61 13.08 -28.94
CA ASP E 135 13.03 12.10 -29.94
C ASP E 135 11.89 11.92 -30.93
N ILE E 136 12.08 12.45 -32.15
CA ILE E 136 11.05 12.40 -33.17
C ILE E 136 11.49 11.46 -34.29
N SER E 137 12.34 10.50 -33.96
CA SER E 137 12.81 9.54 -34.95
C SER E 137 11.71 8.54 -35.28
N THR E 138 11.55 8.27 -36.59
CA THR E 138 10.65 7.24 -37.09
C THR E 138 11.41 6.05 -37.64
N GLU E 139 12.71 5.95 -37.33
CA GLU E 139 13.53 4.86 -37.82
C GLU E 139 13.04 3.53 -37.30
N ILE E 140 13.05 2.51 -38.17
CA ILE E 140 12.58 1.19 -37.78
C ILE E 140 13.44 0.63 -36.66
N TYR E 141 12.79 0.20 -35.58
CA TYR E 141 13.49 -0.28 -34.40
C TYR E 141 14.06 -1.66 -34.65
N GLN E 142 15.38 -1.80 -34.44
CA GLN E 142 16.09 -3.05 -34.65
C GLN E 142 16.17 -3.78 -33.31
N ALA E 143 15.35 -4.82 -33.14
CA ALA E 143 15.32 -5.61 -31.92
C ALA E 143 16.30 -6.78 -31.94
N GLY E 144 16.94 -7.07 -33.07
CA GLY E 144 17.91 -8.13 -33.12
C GLY E 144 19.25 -7.67 -33.67
N SER E 145 19.96 -8.56 -34.35
CA SER E 145 21.22 -8.19 -34.98
C SER E 145 21.11 -8.02 -36.49
N THR E 146 20.05 -8.52 -37.10
CA THR E 146 19.85 -8.39 -38.54
C THR E 146 19.42 -6.97 -38.87
N PRO E 147 20.07 -6.30 -39.82
CA PRO E 147 19.63 -4.95 -40.20
C PRO E 147 18.22 -4.95 -40.76
N CYS E 148 17.48 -3.88 -40.45
CA CYS E 148 16.07 -3.81 -40.85
C CYS E 148 15.89 -3.30 -42.27
N ASN E 149 16.81 -2.47 -42.76
CA ASN E 149 16.77 -1.93 -44.12
C ASN E 149 15.49 -1.13 -44.37
N GLY E 150 14.95 -0.50 -43.33
CA GLY E 150 13.80 0.37 -43.48
C GLY E 150 12.46 -0.33 -43.57
N VAL E 151 12.41 -1.65 -43.44
CA VAL E 151 11.17 -2.39 -43.53
C VAL E 151 10.80 -2.90 -42.14
N GLU E 152 9.53 -3.22 -41.96
CA GLU E 152 9.03 -3.77 -40.71
C GLU E 152 8.82 -5.27 -40.85
N GLY E 153 9.20 -6.02 -39.82
CA GLY E 153 9.05 -7.46 -39.82
C GLY E 153 9.58 -8.10 -38.56
N PHE E 154 10.22 -9.26 -38.71
CA PHE E 154 10.78 -9.96 -37.56
C PHE E 154 11.94 -9.15 -36.98
N ASN E 155 11.90 -8.95 -35.65
CA ASN E 155 12.89 -8.15 -34.93
C ASN E 155 13.02 -6.74 -35.48
N CYS E 156 12.00 -6.26 -36.20
CA CYS E 156 12.01 -4.92 -36.80
C CYS E 156 10.61 -4.36 -36.66
N TYR E 157 10.39 -3.57 -35.60
CA TYR E 157 9.08 -2.99 -35.32
C TYR E 157 9.10 -1.50 -35.60
N PHE E 158 7.92 -0.95 -35.89
CA PHE E 158 7.78 0.49 -35.99
C PHE E 158 7.82 1.08 -34.58
N PRO E 159 8.68 2.07 -34.32
CA PRO E 159 8.88 2.52 -32.93
C PRO E 159 7.67 3.20 -32.33
N LEU E 160 6.73 3.68 -33.13
CA LEU E 160 5.63 4.52 -32.65
C LEU E 160 4.31 3.74 -32.68
N GLN E 161 3.50 3.94 -31.65
CA GLN E 161 2.21 3.30 -31.50
C GLN E 161 1.12 4.36 -31.42
N SER E 162 -0.04 4.07 -32.00
CA SER E 162 -1.15 5.00 -32.06
C SER E 162 -2.14 4.73 -30.95
N TYR E 163 -2.73 5.80 -30.41
CA TYR E 163 -3.76 5.70 -29.39
C TYR E 163 -5.10 5.38 -30.01
N GLY E 164 -5.85 4.49 -29.38
CA GLY E 164 -7.21 4.20 -29.80
C GLY E 164 -8.23 5.08 -29.10
N PHE E 165 -8.21 6.38 -29.41
CA PHE E 165 -9.05 7.36 -28.72
C PHE E 165 -10.48 7.26 -29.26
N GLN E 166 -11.35 6.60 -28.52
CA GLN E 166 -12.76 6.50 -28.86
C GLN E 166 -13.62 7.08 -27.74
N PRO E 167 -14.73 7.73 -28.06
CA PRO E 167 -15.57 8.32 -27.00
C PRO E 167 -16.16 7.30 -26.04
N THR E 168 -16.28 6.04 -26.46
CA THR E 168 -16.83 5.00 -25.60
C THR E 168 -15.81 4.40 -24.65
N ASN E 169 -14.55 4.84 -24.72
CA ASN E 169 -13.52 4.32 -23.84
C ASN E 169 -13.75 4.80 -22.40
N GLY E 170 -13.15 4.06 -21.46
CA GLY E 170 -13.19 4.48 -20.08
C GLY E 170 -12.39 5.74 -19.85
N VAL E 171 -12.50 6.27 -18.63
CA VAL E 171 -11.83 7.53 -18.30
C VAL E 171 -10.33 7.40 -18.45
N GLY E 172 -9.77 6.24 -18.09
CA GLY E 172 -8.33 6.04 -18.23
C GLY E 172 -7.86 6.09 -19.67
N TYR E 173 -8.62 5.49 -20.58
CA TYR E 173 -8.20 5.42 -21.98
C TYR E 173 -8.51 6.68 -22.77
N GLN E 174 -9.23 7.64 -22.19
CA GLN E 174 -9.58 8.85 -22.91
C GLN E 174 -8.40 9.81 -23.00
N PRO E 175 -8.33 10.62 -24.05
CA PRO E 175 -7.20 11.54 -24.19
C PRO E 175 -7.25 12.68 -23.18
N TYR E 176 -6.07 13.04 -22.67
CA TYR E 176 -5.92 14.17 -21.77
C TYR E 176 -4.85 15.10 -22.35
N ARG E 177 -5.22 16.36 -22.58
CA ARG E 177 -4.25 17.36 -23.00
C ARG E 177 -3.44 17.81 -21.80
N VAL E 178 -2.12 17.85 -21.94
CA VAL E 178 -1.20 18.13 -20.85
C VAL E 178 -0.34 19.33 -21.24
N VAL E 179 -0.23 20.28 -20.32
CA VAL E 179 0.69 21.41 -20.46
C VAL E 179 1.62 21.41 -19.26
N VAL E 180 2.93 21.47 -19.53
CA VAL E 180 3.95 21.50 -18.48
C VAL E 180 4.61 22.86 -18.51
N LEU E 181 4.56 23.56 -17.38
CA LEU E 181 5.16 24.88 -17.24
C LEU E 181 6.50 24.74 -16.53
N SER E 182 7.58 24.98 -17.27
CA SER E 182 8.92 24.95 -16.72
C SER E 182 9.46 26.36 -16.64
N PHE E 183 9.97 26.73 -15.47
CA PHE E 183 10.46 28.08 -15.22
C PHE E 183 11.99 28.06 -15.18
N GLU E 184 12.60 28.95 -15.96
CA GLU E 184 14.05 29.02 -16.10
C GLU E 184 14.57 30.28 -15.45
N LEU E 185 15.69 30.14 -14.73
CA LEU E 185 16.41 31.28 -14.16
C LEU E 185 17.90 31.03 -14.26
N LEU E 186 18.62 32.00 -14.82
CA LEU E 186 20.06 31.90 -14.99
C LEU E 186 20.67 33.24 -14.59
N HIS E 187 21.96 33.40 -14.86
CA HIS E 187 22.66 34.65 -14.59
C HIS E 187 22.49 35.62 -15.76
N ALA E 188 21.23 35.90 -16.08
CA ALA E 188 20.83 36.81 -17.14
C ALA E 188 19.67 37.64 -16.64
N PRO E 189 19.49 38.86 -17.18
CA PRO E 189 18.35 39.68 -16.75
C PRO E 189 17.02 39.00 -17.03
N ALA E 190 16.08 39.18 -16.11
CA ALA E 190 14.78 38.54 -16.23
C ALA E 190 13.97 39.17 -17.34
N THR E 191 13.15 38.34 -18.00
CA THR E 191 12.30 38.79 -19.09
C THR E 191 10.82 38.48 -18.90
N VAL E 192 10.46 37.56 -18.01
CA VAL E 192 9.07 37.18 -17.79
C VAL E 192 8.75 37.45 -16.32
N CYS E 193 8.13 38.60 -16.05
CA CYS E 193 7.70 38.96 -14.72
C CYS E 193 6.18 38.84 -14.62
N GLY E 194 5.68 38.86 -13.38
CA GLY E 194 4.27 38.80 -13.13
C GLY E 194 3.61 40.15 -13.36
N PRO E 195 2.31 40.24 -13.04
CA PRO E 195 1.60 41.51 -13.24
C PRO E 195 2.20 42.68 -12.48
N LYS E 196 2.76 42.45 -11.30
CA LYS E 196 3.36 43.53 -10.52
C LYS E 196 4.85 43.64 -10.77
C1 NAG F . -9.22 30.57 -23.67
C2 NAG F . -10.56 29.85 -23.45
C3 NAG F . -11.36 30.61 -22.39
C4 NAG F . -10.54 31.03 -21.16
C5 NAG F . -9.09 31.41 -21.49
C6 NAG F . -8.19 31.39 -20.29
C7 NAG F . -12.35 28.98 -24.91
C8 NAG F . -12.93 29.08 -26.30
N2 NAG F . -11.28 29.77 -24.69
O3 NAG F . -12.46 29.83 -22.02
O4 NAG F . -11.25 32.08 -20.51
O5 NAG F . -8.52 30.54 -22.46
O6 NAG F . -6.88 31.00 -20.67
O7 NAG F . -12.82 28.22 -24.07
C1 NAG F . -11.28 33.28 -21.34
C2 NAG F . -12.76 33.67 -21.61
C3 NAG F . -13.42 34.31 -20.38
C4 NAG F . -12.59 35.46 -19.85
C5 NAG F . -11.13 35.05 -19.62
C6 NAG F . -10.89 34.27 -18.34
C7 NAG F . -13.04 34.04 -24.02
C8 NAG F . -13.12 35.09 -25.09
N2 NAG F . -12.86 34.51 -22.77
O3 NAG F . -13.66 33.30 -19.43
O4 NAG F . -12.69 36.51 -20.79
O5 NAG F . -10.57 34.36 -20.74
O6 NAG F . -11.60 34.87 -17.28
O7 NAG F . -13.14 32.85 -24.29
#